data_4M0X
#
_entry.id   4M0X
#
_cell.length_a   121.110
_cell.length_b   121.110
_cell.length_c   110.560
_cell.angle_alpha   90.000
_cell.angle_beta   90.000
_cell.angle_gamma   90.000
#
_symmetry.space_group_name_H-M   'P 4 21 2'
#
loop_
_entity.id
_entity.type
_entity.pdbx_description
1 polymer 'Chloromuconate cycloisomerase'
2 non-polymer 'MANGANESE (II) ION'
3 non-polymer 'CHLORIDE ION'
4 water water
#
_entity_poly.entity_id   1
_entity_poly.type   'polypeptide(L)'
_entity_poly.pdbx_seq_one_letter_code
;MTTTITEMSATIVDLPSRRPHKFAATTMHHQSIVLVRVRDSDGGEGIGEAVTPGGPWWGGESVETIKTIIDQYLAPVIIG
RDPSTIGVASQSMDGLVFGNSVAKAAIETALWDDRERRSRIPVSDLLGGLRRKRIPITWAFSAGSASDLIDEAAQKLDVG
HRSFKFKMGAEPADTDSRRVLDVLECIPDECAVIVDPNGRWSELEAHRWLPILADAGVTVAEQPIARWNTDGLARLRDKL
SIPIMADESVTTVQQAIALADAGAVSAFAIKIPKSGGLSRAREIAAIAEASGLACFGAATPESSVMGAISAQLYGTMPDL
SVGCELFGPGLLIDEVVTEPLKYDRGELLIPTGPGSGVNLDEERLRKYSRD
;
_entity_poly.pdbx_strand_id   A,B
#
# COMPACT_ATOMS: atom_id res chain seq x y z
N THR A 3 -4.04 28.24 -19.97
CA THR A 3 -2.76 27.42 -19.92
C THR A 3 -3.08 26.08 -19.30
N THR A 4 -2.69 25.02 -19.99
CA THR A 4 -3.10 23.68 -19.63
C THR A 4 -1.92 22.74 -19.81
N ILE A 5 -1.94 21.59 -19.11
CA ILE A 5 -0.95 20.54 -19.32
C ILE A 5 -1.31 19.78 -20.58
N THR A 6 -0.30 19.55 -21.41
CA THR A 6 -0.47 19.09 -22.79
C THR A 6 -0.04 17.63 -22.96
N GLU A 7 1.16 17.32 -22.47
CA GLU A 7 1.65 15.98 -22.43
C GLU A 7 2.20 15.65 -21.05
N MET A 8 2.29 14.36 -20.77
CA MET A 8 3.01 13.84 -19.63
C MET A 8 3.48 12.45 -20.01
N SER A 9 4.78 12.26 -20.02
CA SER A 9 5.40 10.95 -20.27
C SER A 9 6.07 10.40 -19.00
N ALA A 10 6.10 9.08 -18.88
CA ALA A 10 6.74 8.39 -17.76
C ALA A 10 7.68 7.28 -18.29
N THR A 11 8.98 7.54 -18.20
CA THR A 11 10.00 6.69 -18.81
C THR A 11 10.90 6.07 -17.76
N ILE A 12 11.00 4.74 -17.81
CA ILE A 12 11.81 3.96 -16.90
C ILE A 12 13.32 4.14 -17.26
N VAL A 13 14.11 4.63 -16.30
CA VAL A 13 15.54 4.88 -16.50
C VAL A 13 16.42 4.05 -15.57
N ASP A 14 17.51 3.51 -16.08
CA ASP A 14 18.39 2.73 -15.20
C ASP A 14 19.68 3.48 -15.14
N LEU A 15 20.18 3.71 -13.95
CA LEU A 15 21.37 4.54 -13.78
C LEU A 15 22.54 3.78 -13.17
N PRO A 16 23.67 3.79 -13.86
CA PRO A 16 24.89 3.13 -13.38
C PRO A 16 25.29 3.67 -12.02
N SER A 17 25.58 2.77 -11.08
CA SER A 17 25.85 3.15 -9.69
C SER A 17 27.22 2.69 -9.21
N ARG A 18 27.91 3.58 -8.49
CA ARG A 18 29.33 3.40 -8.13
C ARG A 18 29.66 2.13 -7.31
N ARG A 19 28.74 1.69 -6.46
CA ARG A 19 28.88 0.43 -5.74
C ARG A 19 27.50 -0.19 -5.47
N PRO A 20 27.44 -1.52 -5.27
CA PRO A 20 26.11 -2.10 -5.01
C PRO A 20 25.61 -1.69 -3.63
N HIS A 21 24.29 -1.57 -3.44
CA HIS A 21 23.71 -1.15 -2.16
C HIS A 21 22.76 -2.20 -1.56
N LYS A 22 23.28 -2.98 -0.60
CA LYS A 22 22.53 -4.07 0.03
C LYS A 22 21.65 -3.58 1.18
N PHE A 23 20.33 -3.70 0.99
CA PHE A 23 19.33 -3.40 2.02
C PHE A 23 18.91 -4.70 2.68
N ALA A 24 17.83 -4.67 3.45
CA ALA A 24 17.27 -5.87 4.09
C ALA A 24 16.78 -6.96 3.11
N ALA A 25 16.03 -6.58 2.07
CA ALA A 25 15.39 -7.58 1.16
C ALA A 25 15.92 -7.67 -0.29
N THR A 26 16.88 -6.82 -0.65
CA THR A 26 17.70 -6.96 -1.89
C THR A 26 19.10 -6.30 -1.72
N THR A 27 20.00 -6.53 -2.69
CA THR A 27 21.14 -5.61 -2.93
C THR A 27 20.88 -4.82 -4.22
N MET A 28 21.12 -3.50 -4.21
CA MET A 28 20.92 -2.64 -5.41
C MET A 28 22.18 -2.50 -6.27
N HIS A 29 22.08 -2.96 -7.53
CA HIS A 29 23.22 -3.08 -8.43
C HIS A 29 23.33 -1.85 -9.38
N HIS A 30 22.20 -1.20 -9.59
CA HIS A 30 22.11 0.06 -10.29
C HIS A 30 20.91 0.81 -9.68
N GLN A 31 20.60 1.97 -10.20
CA GLN A 31 19.45 2.72 -9.72
C GLN A 31 18.35 2.77 -10.78
N SER A 32 17.10 2.75 -10.35
CA SER A 32 16.03 2.66 -11.30
C SER A 32 14.97 3.65 -10.94
N ILE A 33 14.62 4.50 -11.89
CA ILE A 33 13.65 5.55 -11.63
C ILE A 33 12.67 5.57 -12.78
N VAL A 34 11.48 6.11 -12.54
CA VAL A 34 10.63 6.51 -13.63
C VAL A 34 10.88 8.01 -13.75
N LEU A 35 11.29 8.49 -14.91
CA LEU A 35 11.35 9.96 -15.07
C LEU A 35 10.05 10.55 -15.63
N VAL A 36 9.37 11.39 -14.84
CA VAL A 36 8.10 11.99 -15.31
C VAL A 36 8.33 13.35 -15.94
N ARG A 37 7.60 13.62 -17.01
CA ARG A 37 7.73 14.88 -17.73
C ARG A 37 6.40 15.45 -18.01
N VAL A 38 6.29 16.73 -17.72
CA VAL A 38 5.02 17.43 -17.85
C VAL A 38 5.37 18.58 -18.77
N ARG A 39 4.72 18.65 -19.92
CA ARG A 39 4.88 19.77 -20.86
C ARG A 39 3.57 20.53 -20.84
N ASP A 40 3.62 21.86 -20.80
CA ASP A 40 2.39 22.68 -20.80
C ASP A 40 2.11 23.38 -22.16
N SER A 41 0.94 24.02 -22.26
CA SER A 41 0.47 24.63 -23.52
C SER A 41 1.44 25.62 -24.14
N ASP A 42 1.97 26.57 -23.38
CA ASP A 42 3.00 27.43 -23.97
C ASP A 42 4.47 27.01 -23.78
N GLY A 43 4.72 25.70 -23.77
CA GLY A 43 6.05 25.14 -23.95
C GLY A 43 6.97 24.91 -22.76
N GLY A 44 6.46 25.10 -21.54
CA GLY A 44 7.22 24.87 -20.31
C GLY A 44 7.20 23.42 -19.84
N GLU A 45 8.30 23.00 -19.26
CA GLU A 45 8.47 21.62 -18.87
C GLU A 45 8.85 21.48 -17.40
N GLY A 46 8.24 20.50 -16.73
CA GLY A 46 8.73 20.07 -15.43
C GLY A 46 9.12 18.61 -15.41
N ILE A 47 10.07 18.25 -14.56
CA ILE A 47 10.48 16.86 -14.39
C ILE A 47 10.25 16.39 -12.94
N GLY A 48 9.83 15.15 -12.78
CA GLY A 48 9.74 14.50 -11.49
C GLY A 48 10.40 13.13 -11.58
N GLU A 49 10.68 12.54 -10.42
CA GLU A 49 11.23 11.21 -10.38
C GLU A 49 10.35 10.33 -9.49
N ALA A 50 10.06 9.12 -9.93
CA ALA A 50 9.60 8.08 -9.01
C ALA A 50 10.77 7.13 -8.66
N VAL A 51 11.03 6.95 -7.37
CA VAL A 51 12.13 6.10 -7.03
C VAL A 51 11.82 5.24 -5.80
N THR A 52 12.55 4.14 -5.70
CA THR A 52 12.26 3.08 -4.77
C THR A 52 13.61 2.51 -4.29
N PRO A 53 13.68 2.02 -3.05
CA PRO A 53 14.96 1.45 -2.59
C PRO A 53 15.27 0.07 -3.14
N GLY A 54 15.21 -0.07 -4.47
CA GLY A 54 15.44 -1.35 -5.16
C GLY A 54 14.27 -2.30 -5.31
N GLY A 55 13.04 -1.80 -5.44
CA GLY A 55 11.90 -2.66 -5.77
C GLY A 55 10.79 -2.57 -4.72
N PRO A 56 9.76 -3.42 -4.83
CA PRO A 56 8.58 -3.24 -4.00
C PRO A 56 8.70 -3.78 -2.58
N TRP A 57 9.86 -4.31 -2.21
CA TRP A 57 10.05 -4.84 -0.86
C TRP A 57 9.73 -3.80 0.23
N TRP A 58 10.07 -2.52 -0.01
CA TRP A 58 9.95 -1.49 1.01
C TRP A 58 8.53 -0.95 1.10
N GLY A 59 7.96 -0.55 -0.03
CA GLY A 59 6.70 0.19 -0.06
C GLY A 59 5.64 -0.35 -1.02
N GLY A 60 5.94 -1.43 -1.73
CA GLY A 60 4.96 -2.07 -2.61
C GLY A 60 4.82 -1.44 -4.01
N GLU A 61 5.69 -0.47 -4.28
CA GLU A 61 5.71 0.18 -5.58
C GLU A 61 6.95 -0.31 -6.30
N SER A 62 6.87 -0.39 -7.63
CA SER A 62 8.01 -0.72 -8.50
C SER A 62 8.08 0.22 -9.70
N VAL A 63 9.26 0.42 -10.27
CA VAL A 63 9.33 1.29 -11.45
C VAL A 63 8.37 0.84 -12.58
N GLU A 64 8.16 -0.48 -12.72
CA GLU A 64 7.34 -1.02 -13.79
C GLU A 64 5.89 -0.67 -13.55
N THR A 65 5.42 -0.83 -12.32
CA THR A 65 4.02 -0.55 -12.00
C THR A 65 3.77 0.92 -11.81
N ILE A 66 4.81 1.65 -11.43
CA ILE A 66 4.66 3.10 -11.30
C ILE A 66 4.30 3.69 -12.64
N LYS A 67 5.07 3.34 -13.68
CA LYS A 67 4.79 3.84 -15.02
C LYS A 67 3.30 3.62 -15.35
N THR A 68 2.83 2.39 -15.16
CA THR A 68 1.47 2.04 -15.54
C THR A 68 0.42 2.87 -14.82
N ILE A 69 0.62 3.11 -13.53
CA ILE A 69 -0.35 3.86 -12.71
C ILE A 69 -0.38 5.30 -13.18
N ILE A 70 0.81 5.81 -13.46
CA ILE A 70 0.93 7.15 -14.01
C ILE A 70 0.24 7.21 -15.38
N ASP A 71 0.70 6.40 -16.34
CA ASP A 71 0.18 6.42 -17.73
C ASP A 71 -1.32 6.21 -17.71
N GLN A 72 -1.79 5.18 -17.01
CA GLN A 72 -3.18 4.77 -17.19
C GLN A 72 -4.17 5.42 -16.24
N TYR A 73 -3.83 5.48 -14.94
CA TYR A 73 -4.85 5.93 -13.96
C TYR A 73 -4.68 7.32 -13.40
N LEU A 74 -3.45 7.81 -13.43
CA LEU A 74 -3.21 9.16 -12.92
C LEU A 74 -3.34 10.21 -14.02
N ALA A 75 -2.87 9.87 -15.23
CA ALA A 75 -2.73 10.81 -16.35
C ALA A 75 -3.95 11.67 -16.57
N PRO A 76 -5.15 11.03 -16.66
CA PRO A 76 -6.48 11.61 -16.83
C PRO A 76 -6.86 12.78 -15.96
N VAL A 77 -6.30 12.90 -14.76
CA VAL A 77 -6.54 14.15 -14.03
C VAL A 77 -5.41 15.18 -14.19
N ILE A 78 -4.43 14.91 -15.06
CA ILE A 78 -3.31 15.85 -15.26
C ILE A 78 -3.30 16.48 -16.66
N ILE A 79 -3.46 15.66 -17.69
CA ILE A 79 -3.62 16.19 -19.05
C ILE A 79 -4.86 17.11 -19.16
N GLY A 80 -4.64 18.35 -19.58
CA GLY A 80 -5.72 19.31 -19.81
C GLY A 80 -6.06 20.19 -18.62
N ARG A 81 -5.35 19.95 -17.51
CA ARG A 81 -5.53 20.70 -16.26
C ARG A 81 -4.71 21.98 -16.23
N ASP A 82 -5.16 22.91 -15.39
CA ASP A 82 -4.40 24.12 -15.07
C ASP A 82 -3.15 23.78 -14.23
N PRO A 83 -1.95 24.01 -14.78
CA PRO A 83 -0.69 23.60 -14.16
C PRO A 83 -0.48 24.20 -12.77
N SER A 84 -1.11 25.34 -12.50
CA SER A 84 -0.96 26.00 -11.19
C SER A 84 -1.85 25.39 -10.08
N THR A 85 -2.75 24.49 -10.45
CA THR A 85 -3.70 23.91 -9.49
C THR A 85 -3.19 22.54 -9.00
N ILE A 86 -2.05 22.59 -8.30
CA ILE A 86 -1.35 21.41 -7.78
C ILE A 86 -2.15 20.79 -6.66
N GLY A 87 -2.82 21.63 -5.87
CA GLY A 87 -3.70 21.19 -4.80
C GLY A 87 -4.78 20.26 -5.30
N VAL A 88 -5.51 20.70 -6.33
CA VAL A 88 -6.64 19.93 -6.86
C VAL A 88 -6.17 18.69 -7.60
N ALA A 89 -4.97 18.81 -8.19
CA ALA A 89 -4.39 17.72 -8.94
C ALA A 89 -4.05 16.61 -7.96
N SER A 90 -3.59 17.00 -6.78
CA SER A 90 -3.24 16.03 -5.75
C SER A 90 -4.48 15.36 -5.22
N GLN A 91 -5.54 16.14 -4.97
CA GLN A 91 -6.77 15.54 -4.46
C GLN A 91 -7.44 14.67 -5.52
N SER A 92 -7.36 15.09 -6.78
CA SER A 92 -7.85 14.29 -7.88
C SER A 92 -7.20 12.93 -7.88
N MET A 93 -5.87 12.92 -7.83
CA MET A 93 -5.11 11.68 -7.87
C MET A 93 -5.52 10.71 -6.74
N ASP A 94 -5.74 11.28 -5.56
CA ASP A 94 -6.18 10.52 -4.38
C ASP A 94 -7.55 9.92 -4.60
N GLY A 95 -8.40 10.68 -5.24
CA GLY A 95 -9.74 10.24 -5.60
C GLY A 95 -9.78 9.08 -6.58
N LEU A 96 -8.80 8.97 -7.48
CA LEU A 96 -8.72 7.80 -8.40
C LEU A 96 -7.85 6.66 -7.92
N VAL A 97 -6.74 6.97 -7.25
CA VAL A 97 -5.89 5.87 -6.78
C VAL A 97 -5.51 5.96 -5.33
N PHE A 98 -5.86 4.93 -4.60
CA PHE A 98 -5.39 4.83 -3.24
C PHE A 98 -3.89 4.49 -3.22
N GLY A 99 -3.17 5.09 -2.28
CA GLY A 99 -1.79 4.76 -2.10
C GLY A 99 -1.00 5.20 -3.30
N ASN A 100 -0.08 4.35 -3.77
CA ASN A 100 0.78 4.69 -4.89
C ASN A 100 1.36 6.09 -4.74
N SER A 101 2.05 6.29 -3.62
CA SER A 101 2.60 7.60 -3.28
C SER A 101 3.85 7.96 -4.08
N VAL A 102 4.59 6.96 -4.52
CA VAL A 102 5.81 7.26 -5.25
C VAL A 102 5.41 7.75 -6.62
N ALA A 103 4.39 7.09 -7.18
CA ALA A 103 3.74 7.54 -8.42
C ALA A 103 3.20 8.95 -8.28
N LYS A 104 2.44 9.22 -7.22
CA LYS A 104 1.86 10.57 -7.03
C LYS A 104 2.97 11.58 -6.84
N ALA A 105 3.98 11.24 -6.04
CA ALA A 105 5.13 12.13 -5.79
C ALA A 105 5.83 12.61 -7.05
N ALA A 106 5.99 11.74 -8.04
CA ALA A 106 6.74 12.13 -9.23
C ALA A 106 5.98 13.19 -10.04
N ILE A 107 4.65 13.01 -10.14
CA ILE A 107 3.75 13.99 -10.74
C ILE A 107 3.61 15.29 -9.94
N GLU A 108 3.27 15.18 -8.64
CA GLU A 108 3.11 16.38 -7.82
C GLU A 108 4.40 17.16 -7.90
N THR A 109 5.52 16.46 -7.86
CA THR A 109 6.84 17.08 -7.83
C THR A 109 7.19 17.71 -9.20
N ALA A 110 6.98 16.99 -10.29
CA ALA A 110 7.16 17.56 -11.62
C ALA A 110 6.35 18.84 -11.78
N LEU A 111 5.10 18.80 -11.30
CA LEU A 111 4.25 19.97 -11.25
C LEU A 111 4.86 21.18 -10.52
N TRP A 112 5.50 20.95 -9.38
CA TRP A 112 6.19 22.03 -8.68
C TRP A 112 7.43 22.54 -9.44
N ASP A 113 8.22 21.62 -9.98
CA ASP A 113 9.33 21.99 -10.87
C ASP A 113 8.89 22.93 -12.05
N ASP A 114 7.81 22.53 -12.72
CA ASP A 114 7.12 23.34 -13.74
C ASP A 114 6.81 24.74 -13.17
N ARG A 115 6.27 24.77 -11.95
CA ARG A 115 5.84 26.02 -11.38
C ARG A 115 7.04 26.93 -11.22
N GLU A 116 8.02 26.47 -10.44
CA GLU A 116 9.29 27.14 -10.25
C GLU A 116 9.91 27.66 -11.53
N ARG A 117 9.81 26.91 -12.61
CA ARG A 117 10.35 27.39 -13.88
C ARG A 117 9.51 28.36 -14.67
N ARG A 118 8.18 28.21 -14.62
CA ARG A 118 7.35 29.23 -15.22
C ARG A 118 7.65 30.55 -14.49
N SER A 119 7.64 30.54 -13.15
CA SER A 119 7.93 31.74 -12.36
C SER A 119 9.41 32.13 -12.35
N ARG A 120 10.29 31.26 -12.87
CA ARG A 120 11.73 31.57 -12.90
C ARG A 120 12.36 31.68 -11.50
N ILE A 121 11.89 30.88 -10.55
CA ILE A 121 12.46 30.79 -9.18
C ILE A 121 12.61 29.37 -8.64
N PRO A 122 13.47 29.19 -7.62
CA PRO A 122 13.57 27.87 -6.98
C PRO A 122 12.32 27.51 -6.17
N VAL A 123 11.89 26.26 -6.20
CA VAL A 123 10.68 25.88 -5.49
C VAL A 123 10.78 26.36 -4.04
N SER A 124 11.95 26.16 -3.41
CA SER A 124 12.24 26.69 -2.07
C SER A 124 11.72 28.09 -1.77
N ASP A 125 11.65 28.97 -2.76
CA ASP A 125 10.90 30.25 -2.63
C ASP A 125 9.42 30.04 -2.40
N LEU A 126 8.77 29.30 -3.29
CA LEU A 126 7.34 29.08 -3.16
C LEU A 126 7.03 28.60 -1.76
N LEU A 127 8.00 27.94 -1.12
CA LEU A 127 7.81 27.39 0.22
C LEU A 127 8.02 28.37 1.39
N GLY A 128 8.54 29.55 1.11
CA GLY A 128 8.98 30.45 2.18
C GLY A 128 10.50 30.63 2.34
N GLY A 129 11.28 30.12 1.41
CA GLY A 129 12.70 30.48 1.35
C GLY A 129 13.61 29.55 2.15
N LEU A 130 14.85 29.39 1.69
CA LEU A 130 15.81 28.52 2.36
C LEU A 130 16.11 29.07 3.74
N ARG A 131 16.34 28.18 4.72
CA ARG A 131 16.92 28.55 6.01
C ARG A 131 18.37 28.13 6.15
N ARG A 132 18.94 27.55 5.11
CA ARG A 132 20.34 27.21 5.11
C ARG A 132 20.72 26.93 3.68
N LYS A 133 21.99 27.18 3.34
CA LYS A 133 22.45 26.98 1.94
C LYS A 133 23.17 25.65 1.74
N ARG A 134 23.61 25.06 2.85
CA ARG A 134 24.38 23.83 2.82
C ARG A 134 23.81 22.87 3.84
N ILE A 135 23.86 21.58 3.55
CA ILE A 135 23.51 20.58 4.57
C ILE A 135 24.62 19.55 4.80
N PRO A 136 24.97 19.24 6.07
CA PRO A 136 25.98 18.18 6.20
C PRO A 136 25.34 16.83 5.85
N ILE A 137 26.07 15.99 5.14
CA ILE A 137 25.53 14.71 4.69
C ILE A 137 25.88 13.55 5.64
N THR A 138 24.91 12.67 5.90
CA THR A 138 25.15 11.46 6.67
C THR A 138 25.45 10.35 5.70
N TRP A 139 26.65 9.78 5.80
CA TRP A 139 27.07 8.71 4.91
C TRP A 139 26.53 7.37 5.35
N ALA A 140 25.80 6.71 4.46
CA ALA A 140 25.25 5.41 4.79
C ALA A 140 26.04 4.27 4.16
N PHE A 141 26.77 3.57 5.03
CA PHE A 141 27.35 2.30 4.70
C PHE A 141 26.31 1.29 4.24
N SER A 142 26.73 0.44 3.32
CA SER A 142 25.96 -0.69 2.84
C SER A 142 26.06 -1.83 3.88
N ALA A 143 25.28 -2.89 3.71
CA ALA A 143 25.38 -4.03 4.64
C ALA A 143 26.60 -4.95 4.37
N GLY A 144 27.51 -4.50 3.53
CA GLY A 144 28.71 -5.25 3.21
C GLY A 144 29.47 -5.72 4.44
N SER A 145 30.61 -6.33 4.20
CA SER A 145 31.40 -6.87 5.27
C SER A 145 32.02 -5.76 6.12
N ALA A 146 32.48 -6.09 7.34
CA ALA A 146 33.07 -5.10 8.24
C ALA A 146 34.47 -4.69 7.79
N SER A 147 35.03 -5.47 6.88
CA SER A 147 36.37 -5.26 6.34
C SER A 147 36.34 -4.04 5.40
N ASP A 148 35.54 -4.20 4.33
CA ASP A 148 35.24 -3.17 3.35
C ASP A 148 34.87 -1.86 4.03
N LEU A 149 34.01 -1.93 5.04
CA LEU A 149 33.48 -0.72 5.67
C LEU A 149 34.51 0.03 6.51
N ILE A 150 35.44 -0.66 7.17
CA ILE A 150 36.51 0.06 7.88
C ILE A 150 37.41 0.89 6.91
N ASP A 151 37.64 0.35 5.72
CA ASP A 151 38.34 1.08 4.69
C ASP A 151 37.49 2.20 4.06
N GLU A 152 36.15 2.09 4.15
CA GLU A 152 35.25 3.14 3.60
C GLU A 152 35.01 4.26 4.61
N ALA A 153 34.90 3.88 5.89
CA ALA A 153 34.67 4.81 6.99
C ALA A 153 35.84 5.75 7.09
N ALA A 154 37.02 5.15 7.15
CA ALA A 154 38.28 5.89 7.32
C ALA A 154 38.46 6.96 6.21
N GLN A 155 38.07 6.59 5.00
CA GLN A 155 38.11 7.46 3.83
C GLN A 155 37.04 8.56 3.82
N LYS A 156 35.78 8.22 4.15
CA LYS A 156 34.71 9.24 4.25
C LYS A 156 34.90 10.22 5.42
N LEU A 157 35.54 9.76 6.48
CA LEU A 157 35.86 10.63 7.60
C LEU A 157 36.83 11.67 7.08
N ASP A 158 37.72 11.18 6.23
CA ASP A 158 38.67 11.99 5.48
C ASP A 158 37.99 13.18 4.79
N VAL A 159 37.17 12.89 3.78
CA VAL A 159 36.52 13.92 2.97
C VAL A 159 35.72 14.93 3.80
N GLY A 160 35.26 14.50 4.98
CA GLY A 160 34.75 15.45 5.98
C GLY A 160 33.56 15.05 6.83
N HIS A 161 32.86 13.99 6.45
CA HIS A 161 31.71 13.48 7.20
C HIS A 161 31.98 13.21 8.69
N ARG A 162 31.08 13.68 9.55
CA ARG A 162 31.09 13.37 10.97
C ARG A 162 29.75 12.71 11.36
N SER A 163 29.05 12.14 10.37
CA SER A 163 27.74 11.55 10.60
C SER A 163 27.50 10.32 9.73
N PHE A 164 27.08 9.23 10.35
CA PHE A 164 26.99 7.92 9.65
C PHE A 164 25.73 7.09 9.91
N LYS A 165 25.44 6.21 8.94
CA LYS A 165 24.32 5.29 9.03
C LYS A 165 24.81 3.94 8.62
N PHE A 166 24.40 2.93 9.38
CA PHE A 166 24.66 1.54 9.04
C PHE A 166 23.39 0.89 8.57
N LYS A 167 23.41 0.39 7.35
CA LYS A 167 22.22 -0.25 6.82
C LYS A 167 22.25 -1.65 7.41
N MET A 168 21.10 -2.14 7.90
CA MET A 168 21.02 -3.43 8.62
C MET A 168 19.83 -4.29 8.18
N GLY A 169 19.77 -5.50 8.71
CA GLY A 169 18.63 -6.38 8.50
C GLY A 169 18.78 -7.47 7.44
N ALA A 170 19.96 -7.58 6.84
CA ALA A 170 20.15 -8.56 5.77
C ALA A 170 20.55 -9.94 6.30
N GLU A 171 20.78 -10.04 7.61
CA GLU A 171 21.40 -11.21 8.20
C GLU A 171 20.95 -11.21 9.64
N PRO A 172 21.10 -12.34 10.36
CA PRO A 172 20.50 -12.30 11.71
C PRO A 172 21.06 -11.16 12.59
N ALA A 173 20.18 -10.67 13.45
CA ALA A 173 20.51 -9.67 14.44
C ALA A 173 21.92 -9.80 15.00
N ASP A 174 22.26 -11.00 15.43
CA ASP A 174 23.46 -11.18 16.25
C ASP A 174 24.80 -11.06 15.46
N THR A 175 24.84 -11.72 14.29
CA THR A 175 25.92 -11.54 13.35
C THR A 175 25.95 -10.07 12.94
N ASP A 176 24.80 -9.51 12.57
CA ASP A 176 24.69 -8.13 12.07
C ASP A 176 25.28 -7.08 13.02
N SER A 177 25.02 -7.25 14.31
CA SER A 177 25.43 -6.29 15.32
C SER A 177 26.86 -6.41 15.67
N ARG A 178 27.39 -7.62 15.58
CA ARG A 178 28.83 -7.82 15.77
C ARG A 178 29.53 -7.09 14.60
N ARG A 179 29.08 -7.36 13.39
CA ARG A 179 29.59 -6.66 12.21
C ARG A 179 29.62 -5.16 12.43
N VAL A 180 28.53 -4.61 12.94
CA VAL A 180 28.45 -3.16 13.09
C VAL A 180 29.37 -2.69 14.20
N LEU A 181 29.43 -3.46 15.29
CA LEU A 181 30.30 -3.11 16.41
C LEU A 181 31.74 -3.07 15.92
N ASP A 182 32.03 -3.92 14.93
CA ASP A 182 33.37 -3.96 14.36
C ASP A 182 33.75 -2.63 13.78
N VAL A 183 32.90 -2.11 12.90
CA VAL A 183 33.17 -0.86 12.20
C VAL A 183 33.18 0.34 13.13
N LEU A 184 32.36 0.29 14.17
CA LEU A 184 32.29 1.33 15.16
C LEU A 184 33.58 1.46 15.96
N GLU A 185 34.45 0.46 15.86
CA GLU A 185 35.71 0.51 16.58
C GLU A 185 36.60 1.58 16.00
N CYS A 186 36.64 1.66 14.66
CA CYS A 186 37.38 2.70 13.93
C CYS A 186 36.54 3.97 13.58
N ILE A 187 35.51 4.28 14.39
CA ILE A 187 34.72 5.53 14.26
C ILE A 187 34.85 6.34 15.55
N PRO A 188 35.19 7.64 15.42
CA PRO A 188 35.39 8.45 16.62
C PRO A 188 34.13 8.59 17.47
N ASP A 189 34.32 8.55 18.79
CA ASP A 189 33.25 8.75 19.77
C ASP A 189 32.33 9.92 19.42
N GLU A 190 32.89 11.04 18.98
CA GLU A 190 32.10 12.27 18.74
C GLU A 190 31.03 12.20 17.61
N CYS A 191 31.06 11.14 16.79
CA CYS A 191 30.18 11.02 15.61
C CYS A 191 28.70 10.65 15.84
N ALA A 192 27.82 11.00 14.90
CA ALA A 192 26.47 10.47 14.92
C ALA A 192 26.44 9.11 14.20
N VAL A 193 25.82 8.12 14.81
CA VAL A 193 25.59 6.88 14.09
C VAL A 193 24.14 6.46 14.21
N ILE A 194 23.45 6.41 13.08
CA ILE A 194 22.14 5.80 13.01
C ILE A 194 22.32 4.33 12.64
N VAL A 195 21.49 3.45 13.18
CA VAL A 195 21.34 2.08 12.60
C VAL A 195 19.91 1.83 12.08
N ASP A 196 19.82 1.28 10.87
CA ASP A 196 18.54 1.07 10.19
C ASP A 196 18.26 -0.37 9.75
N PRO A 197 17.63 -1.18 10.62
CA PRO A 197 17.23 -2.54 10.31
C PRO A 197 16.03 -2.61 9.37
N ASN A 198 15.47 -1.50 8.95
CA ASN A 198 14.37 -1.53 8.01
C ASN A 198 13.17 -2.27 8.55
N GLY A 199 12.97 -2.14 9.86
CA GLY A 199 11.82 -2.73 10.54
C GLY A 199 11.81 -4.24 10.58
N ARG A 200 12.98 -4.86 10.38
CA ARG A 200 13.08 -6.32 10.22
C ARG A 200 13.43 -7.02 11.54
N TRP A 201 13.68 -6.25 12.59
CA TRP A 201 14.04 -6.83 13.86
C TRP A 201 12.82 -7.12 14.71
N SER A 202 12.87 -8.16 15.52
CA SER A 202 11.77 -8.40 16.42
C SER A 202 11.92 -7.52 17.63
N GLU A 203 10.80 -7.30 18.30
CA GLU A 203 10.85 -6.62 19.59
C GLU A 203 11.94 -7.20 20.53
N LEU A 204 12.03 -8.53 20.64
CA LEU A 204 13.14 -9.17 21.42
C LEU A 204 14.56 -8.77 20.96
N GLU A 205 14.78 -8.81 19.64
CA GLU A 205 16.08 -8.54 19.05
C GLU A 205 16.40 -7.07 19.28
N ALA A 206 15.38 -6.23 19.14
CA ALA A 206 15.60 -4.82 19.24
C ALA A 206 16.13 -4.50 20.64
N HIS A 207 15.51 -5.09 21.67
CA HIS A 207 15.83 -4.77 23.05
C HIS A 207 17.15 -5.41 23.46
N ARG A 208 17.52 -6.50 22.81
CA ARG A 208 18.79 -7.17 23.07
C ARG A 208 19.95 -6.35 22.52
N TRP A 209 19.84 -5.90 21.27
CA TRP A 209 21.03 -5.41 20.57
C TRP A 209 21.18 -3.93 20.56
N LEU A 210 20.08 -3.22 20.53
CA LEU A 210 20.16 -1.77 20.55
C LEU A 210 21.01 -1.24 21.71
N PRO A 211 20.74 -1.63 22.97
CA PRO A 211 21.53 -1.05 24.07
C PRO A 211 23.03 -1.38 23.92
N ILE A 212 23.32 -2.55 23.38
CA ILE A 212 24.69 -2.95 23.19
C ILE A 212 25.34 -2.03 22.16
N LEU A 213 24.59 -1.74 21.11
CA LEU A 213 25.06 -0.83 20.09
C LEU A 213 25.09 0.64 20.58
N ALA A 214 24.18 1.01 21.48
CA ALA A 214 24.19 2.39 21.99
C ALA A 214 25.43 2.57 22.86
N ASP A 215 25.76 1.54 23.63
CA ASP A 215 27.00 1.52 24.41
C ASP A 215 28.22 1.73 23.52
N ALA A 216 28.23 1.14 22.34
CA ALA A 216 29.34 1.27 21.39
C ALA A 216 29.31 2.53 20.51
N GLY A 217 28.34 3.41 20.71
CA GLY A 217 28.34 4.71 20.04
C GLY A 217 27.22 4.98 19.06
N VAL A 218 26.35 3.98 18.85
CA VAL A 218 25.18 4.18 18.01
C VAL A 218 24.30 5.19 18.67
N THR A 219 23.80 6.11 17.88
CA THR A 219 23.25 7.34 18.38
C THR A 219 21.75 7.51 18.15
N VAL A 220 21.25 6.77 17.16
CA VAL A 220 19.85 6.82 16.80
C VAL A 220 19.48 5.45 16.27
N ALA A 221 18.24 5.04 16.51
CA ALA A 221 17.79 3.80 15.93
C ALA A 221 16.66 4.10 14.98
N GLU A 222 16.90 3.83 13.71
CA GLU A 222 15.89 4.04 12.72
C GLU A 222 15.06 2.78 12.62
N GLN A 223 13.74 2.95 12.46
CA GLN A 223 12.79 1.87 12.28
C GLN A 223 13.33 0.51 12.68
N PRO A 224 13.45 0.25 13.98
CA PRO A 224 14.06 -1.07 14.27
C PRO A 224 13.07 -2.24 14.11
N ILE A 225 11.83 -2.04 14.52
CA ILE A 225 10.83 -3.08 14.45
C ILE A 225 9.81 -2.74 13.37
N ALA A 226 8.90 -3.67 13.09
CA ALA A 226 7.86 -3.51 12.04
C ALA A 226 7.13 -2.14 12.05
N ARG A 227 6.63 -1.69 10.91
CA ARG A 227 6.04 -0.34 10.78
C ARG A 227 4.75 -0.13 11.54
N TRP A 228 4.03 -1.21 11.76
CA TRP A 228 2.72 -1.13 12.37
C TRP A 228 2.82 -1.27 13.90
N ASN A 229 4.01 -1.59 14.42
CA ASN A 229 4.15 -1.86 15.85
C ASN A 229 4.44 -0.59 16.68
N THR A 230 3.41 0.24 16.74
CA THR A 230 3.42 1.51 17.45
C THR A 230 3.75 1.28 18.89
N ASP A 231 3.07 0.32 19.50
CA ASP A 231 3.32 0.03 20.92
C ASP A 231 4.77 -0.38 21.19
N GLY A 232 5.31 -1.20 20.29
CA GLY A 232 6.60 -1.77 20.50
C GLY A 232 7.60 -0.66 20.38
N LEU A 233 7.33 0.23 19.42
CA LEU A 233 8.14 1.41 19.25
C LEU A 233 8.14 2.24 20.52
N ALA A 234 6.95 2.43 21.10
CA ALA A 234 6.82 3.19 22.33
C ALA A 234 7.54 2.57 23.51
N ARG A 235 7.50 1.25 23.65
CA ARG A 235 8.22 0.59 24.74
C ARG A 235 9.71 0.79 24.55
N LEU A 236 10.18 0.77 23.28
CA LEU A 236 11.59 0.93 22.97
C LEU A 236 12.05 2.35 23.29
N ARG A 237 11.21 3.31 22.91
CA ARG A 237 11.53 4.71 23.13
C ARG A 237 11.74 4.93 24.62
N ASP A 238 10.99 4.21 25.46
CA ASP A 238 11.17 4.27 26.91
C ASP A 238 12.42 3.53 27.42
N LYS A 239 12.67 2.32 26.97
CA LYS A 239 13.77 1.61 27.59
C LYS A 239 15.11 2.23 27.18
N LEU A 240 15.21 2.68 25.93
CA LEU A 240 16.45 3.06 25.30
C LEU A 240 17.03 4.40 25.71
N SER A 241 18.36 4.44 25.81
CA SER A 241 19.11 5.64 26.16
C SER A 241 19.31 6.50 24.90
N ILE A 242 18.85 6.00 23.75
CA ILE A 242 19.03 6.72 22.51
C ILE A 242 17.68 6.86 21.84
N PRO A 243 17.50 7.89 21.02
CA PRO A 243 16.19 8.06 20.39
C PRO A 243 15.88 7.09 19.25
N ILE A 244 14.59 6.96 18.97
CA ILE A 244 14.04 6.10 17.93
C ILE A 244 13.43 6.98 16.83
N MET A 245 13.80 6.70 15.58
CA MET A 245 13.23 7.39 14.44
C MET A 245 12.27 6.53 13.61
N ALA A 246 11.10 7.08 13.33
CA ALA A 246 10.17 6.49 12.42
C ALA A 246 10.59 6.82 10.99
N ASP A 247 10.53 5.81 10.12
CA ASP A 247 10.74 6.00 8.71
C ASP A 247 9.51 5.36 8.05
N GLU A 248 9.58 4.05 7.77
CA GLU A 248 8.44 3.28 7.22
C GLU A 248 7.12 3.53 7.95
N SER A 249 7.21 3.91 9.24
CA SER A 249 6.04 4.15 10.08
C SER A 249 5.40 5.50 9.82
N VAL A 250 6.18 6.47 9.29
CA VAL A 250 5.64 7.77 8.87
C VAL A 250 5.63 7.94 7.40
N THR A 251 4.50 7.69 6.80
CA THR A 251 4.43 7.98 5.38
C THR A 251 3.28 8.89 5.15
N THR A 252 2.44 9.10 6.15
CA THR A 252 1.33 10.01 5.96
C THR A 252 1.23 10.88 7.19
N VAL A 253 0.62 12.01 6.95
CA VAL A 253 0.26 13.01 7.93
C VAL A 253 -0.63 12.42 9.06
N GLN A 254 -1.47 11.44 8.74
CA GLN A 254 -2.29 10.80 9.77
C GLN A 254 -1.43 9.92 10.68
N GLN A 255 -0.45 9.24 10.08
CA GLN A 255 0.51 8.42 10.83
C GLN A 255 1.38 9.28 11.71
N ALA A 256 1.82 10.42 11.16
CA ALA A 256 2.54 11.43 11.90
C ALA A 256 1.82 11.73 13.20
N ILE A 257 0.54 12.04 13.09
CA ILE A 257 -0.24 12.38 14.25
C ILE A 257 -0.36 11.22 15.23
N ALA A 258 -0.72 10.05 14.71
CA ALA A 258 -0.90 8.87 15.54
C ALA A 258 0.34 8.59 16.37
N LEU A 259 1.53 8.64 15.73
CA LEU A 259 2.79 8.39 16.41
C LEU A 259 3.07 9.47 17.42
N ALA A 260 3.05 10.71 16.97
CA ALA A 260 3.37 11.83 17.83
C ALA A 260 2.72 11.64 19.19
N ASP A 261 1.48 11.21 19.20
CA ASP A 261 0.73 11.33 20.43
C ASP A 261 0.52 10.01 21.11
N ALA A 262 0.86 8.93 20.43
CA ALA A 262 1.08 7.68 21.11
C ALA A 262 2.47 7.76 21.71
N GLY A 263 3.24 8.80 21.38
CA GLY A 263 4.50 9.07 22.04
C GLY A 263 5.47 7.96 21.69
N ALA A 264 5.27 7.41 20.50
CA ALA A 264 5.97 6.22 20.02
C ALA A 264 7.37 6.40 19.42
N VAL A 265 7.78 7.62 19.09
CA VAL A 265 9.10 7.81 18.53
C VAL A 265 9.72 9.17 18.88
N SER A 266 11.02 9.31 18.62
CA SER A 266 11.73 10.55 18.89
C SER A 266 11.81 11.46 17.69
N ALA A 267 11.81 10.86 16.49
CA ALA A 267 11.96 11.62 15.25
C ALA A 267 11.22 11.10 14.02
N PHE A 268 11.16 11.93 12.99
CA PHE A 268 10.68 11.52 11.69
C PHE A 268 11.83 11.51 10.70
N ALA A 269 11.86 10.50 9.84
CA ALA A 269 12.69 10.56 8.65
C ALA A 269 11.78 11.16 7.58
N ILE A 270 12.13 12.36 7.09
CA ILE A 270 11.31 13.01 6.08
C ILE A 270 11.83 12.69 4.68
N LYS A 271 10.93 12.37 3.75
CA LYS A 271 11.27 11.91 2.39
C LYS A 271 10.08 12.18 1.53
N ILE A 272 10.29 12.75 0.34
CA ILE A 272 9.18 13.07 -0.55
C ILE A 272 8.41 11.88 -1.13
N PRO A 273 9.09 10.95 -1.84
CA PRO A 273 8.41 9.85 -2.52
C PRO A 273 7.41 9.12 -1.62
N LYS A 274 7.88 8.71 -0.46
CA LYS A 274 7.09 7.95 0.48
C LYS A 274 5.85 8.68 1.04
N SER A 275 5.81 10.01 0.94
CA SER A 275 4.71 10.84 1.46
C SER A 275 3.80 11.24 0.35
N GLY A 276 4.17 10.84 -0.87
CA GLY A 276 3.43 11.23 -2.07
C GLY A 276 3.56 12.69 -2.47
N GLY A 277 4.70 13.30 -2.14
CA GLY A 277 5.05 14.63 -2.65
C GLY A 277 5.55 15.70 -1.71
N LEU A 278 5.80 16.86 -2.28
CA LEU A 278 6.37 17.96 -1.56
C LEU A 278 5.46 18.56 -0.49
N SER A 279 4.18 18.77 -0.78
CA SER A 279 3.33 19.42 0.20
C SER A 279 3.20 18.52 1.42
N ARG A 280 2.79 17.27 1.21
CA ARG A 280 2.59 16.28 2.27
C ARG A 280 3.84 16.09 3.13
N ALA A 281 4.99 15.91 2.48
CA ALA A 281 6.27 15.88 3.20
C ALA A 281 6.42 17.07 4.16
N ARG A 282 6.20 18.33 3.71
CA ARG A 282 6.28 19.44 4.65
C ARG A 282 5.26 19.31 5.77
N GLU A 283 4.06 18.85 5.45
CA GLU A 283 3.02 18.77 6.45
C GLU A 283 3.48 17.83 7.56
N ILE A 284 4.04 16.67 7.19
CA ILE A 284 4.61 15.74 8.17
C ILE A 284 5.67 16.41 9.04
N ALA A 285 6.47 17.26 8.42
CA ALA A 285 7.50 17.93 9.17
C ALA A 285 6.85 18.97 10.07
N ALA A 286 5.77 19.61 9.58
CA ALA A 286 5.06 20.58 10.39
C ALA A 286 4.52 19.95 11.68
N ILE A 287 4.06 18.70 11.56
CA ILE A 287 3.59 17.91 12.69
C ILE A 287 4.74 17.55 13.63
N ALA A 288 5.90 17.17 13.10
CA ALA A 288 7.08 17.08 13.96
C ALA A 288 7.28 18.36 14.75
N GLU A 289 7.35 19.50 14.08
CA GLU A 289 7.48 20.77 14.83
C GLU A 289 6.41 20.92 15.94
N ALA A 290 5.15 20.70 15.55
CA ALA A 290 4.00 20.93 16.42
C ALA A 290 4.03 20.03 17.62
N SER A 291 4.82 18.95 17.53
CA SER A 291 4.80 17.91 18.57
C SER A 291 6.20 17.71 19.18
N GLY A 292 7.15 18.47 18.71
CA GLY A 292 8.46 18.52 19.33
C GLY A 292 9.38 17.36 19.02
N LEU A 293 9.07 16.64 17.95
CA LEU A 293 9.94 15.60 17.40
C LEU A 293 10.90 16.17 16.37
N ALA A 294 12.12 15.63 16.39
CA ALA A 294 13.16 15.96 15.43
C ALA A 294 12.91 15.45 14.01
N CYS A 295 13.63 16.02 13.05
CA CYS A 295 13.53 15.56 11.67
C CYS A 295 14.89 15.18 11.12
N PHE A 296 14.82 14.32 10.13
CA PHE A 296 15.95 13.83 9.45
C PHE A 296 15.61 14.03 8.00
N GLY A 297 16.57 14.57 7.25
CA GLY A 297 16.42 14.73 5.81
C GLY A 297 16.80 13.42 5.15
N ALA A 298 15.80 12.56 4.98
CA ALA A 298 16.02 11.17 4.63
C ALA A 298 16.13 10.92 3.14
N ALA A 299 16.70 9.78 2.79
CA ALA A 299 16.95 9.41 1.41
C ALA A 299 16.15 8.16 1.06
N THR A 300 15.85 7.98 -0.22
CA THR A 300 15.09 6.82 -0.67
C THR A 300 15.97 5.61 -1.05
N PRO A 301 17.10 5.81 -1.72
CA PRO A 301 17.69 7.04 -2.22
C PRO A 301 17.07 7.39 -3.55
N GLU A 302 17.64 8.38 -4.22
CA GLU A 302 17.09 8.92 -5.44
C GLU A 302 18.24 9.51 -6.26
N SER A 303 17.95 9.84 -7.51
CA SER A 303 18.93 10.44 -8.36
C SER A 303 18.97 11.93 -8.03
N SER A 304 19.64 12.72 -8.86
CA SER A 304 19.65 14.17 -8.65
C SER A 304 18.33 14.87 -8.93
N VAL A 305 17.46 14.24 -9.72
CA VAL A 305 16.14 14.83 -10.00
C VAL A 305 15.29 15.03 -8.72
N MET A 306 14.99 13.94 -8.00
CA MET A 306 14.26 14.00 -6.72
C MET A 306 15.14 14.57 -5.59
N GLY A 307 16.44 14.21 -5.63
CA GLY A 307 17.42 14.72 -4.68
C GLY A 307 17.47 16.24 -4.61
N ALA A 308 17.51 16.87 -5.78
CA ALA A 308 17.39 18.34 -5.88
C ALA A 308 16.10 18.94 -5.22
N ILE A 309 14.91 18.41 -5.49
CA ILE A 309 13.71 19.02 -4.91
C ILE A 309 13.72 18.77 -3.41
N SER A 310 14.06 17.53 -3.02
CA SER A 310 14.30 17.20 -1.62
C SER A 310 15.27 18.15 -0.93
N ALA A 311 16.42 18.39 -1.54
CA ALA A 311 17.41 19.28 -0.94
C ALA A 311 16.80 20.65 -0.63
N GLN A 312 15.99 21.14 -1.55
CA GLN A 312 15.31 22.41 -1.34
C GLN A 312 14.33 22.31 -0.17
N LEU A 313 13.48 21.28 -0.18
CA LEU A 313 12.59 21.01 0.94
C LEU A 313 13.34 21.12 2.26
N TYR A 314 14.38 20.29 2.40
CA TYR A 314 15.17 20.19 3.62
C TYR A 314 15.77 21.53 4.00
N GLY A 315 16.18 22.32 3.00
CA GLY A 315 16.61 23.67 3.27
C GLY A 315 15.51 24.65 3.71
N THR A 316 14.25 24.38 3.37
CA THR A 316 13.19 25.24 3.87
C THR A 316 12.82 24.87 5.29
N MET A 317 13.14 23.65 5.69
CA MET A 317 12.62 23.07 6.93
C MET A 317 13.25 23.66 8.18
N PRO A 318 12.45 23.84 9.25
CA PRO A 318 12.97 24.49 10.43
C PRO A 318 13.91 23.59 11.22
N ASP A 319 13.86 22.29 10.94
CA ASP A 319 14.60 21.32 11.77
C ASP A 319 15.11 20.15 10.96
N LEU A 320 16.42 19.93 11.04
CA LEU A 320 17.02 18.70 10.56
C LEU A 320 18.07 18.35 11.57
N SER A 321 17.66 18.18 12.82
CA SER A 321 18.64 18.02 13.91
C SER A 321 19.26 16.64 13.86
N VAL A 322 18.52 15.66 13.34
CA VAL A 322 19.03 14.33 13.15
C VAL A 322 19.99 14.32 11.97
N GLY A 323 19.96 15.35 11.15
CA GLY A 323 20.82 15.39 9.99
C GLY A 323 20.13 15.16 8.67
N CYS A 324 20.92 14.95 7.64
CA CYS A 324 20.44 14.69 6.29
C CYS A 324 21.29 13.60 5.55
N GLU A 325 20.62 12.65 4.91
CA GLU A 325 21.32 11.56 4.24
C GLU A 325 21.23 11.66 2.71
N LEU A 326 21.32 12.87 2.14
CA LEU A 326 21.16 12.96 0.70
C LEU A 326 22.45 12.71 -0.05
N PHE A 327 23.08 11.55 0.19
CA PHE A 327 24.37 11.17 -0.40
C PHE A 327 24.13 10.39 -1.69
N GLY A 328 22.91 9.89 -1.87
CA GLY A 328 22.58 9.00 -2.98
C GLY A 328 23.15 9.40 -4.33
N PRO A 329 22.72 10.55 -4.88
CA PRO A 329 23.32 11.06 -6.11
C PRO A 329 24.87 11.00 -6.17
N GLY A 330 25.58 11.40 -5.13
CA GLY A 330 27.05 11.25 -5.09
C GLY A 330 27.59 9.90 -5.55
N LEU A 331 26.85 8.84 -5.22
CA LEU A 331 27.09 7.47 -5.66
C LEU A 331 26.68 7.05 -7.10
N LEU A 332 25.98 7.89 -7.84
CA LEU A 332 25.65 7.58 -9.23
C LEU A 332 26.81 7.99 -10.14
N ILE A 333 27.19 7.19 -11.15
CA ILE A 333 28.22 7.64 -12.10
C ILE A 333 27.65 8.47 -13.24
N ASP A 334 26.36 8.38 -13.49
CA ASP A 334 25.72 9.26 -14.46
C ASP A 334 24.22 9.44 -14.17
N GLU A 335 23.61 10.44 -14.78
CA GLU A 335 22.28 10.92 -14.41
C GLU A 335 21.47 11.40 -15.62
N VAL A 336 20.22 11.81 -15.42
CA VAL A 336 19.47 12.43 -16.53
C VAL A 336 19.41 13.96 -16.40
N VAL A 337 20.22 14.54 -15.54
CA VAL A 337 20.27 16.00 -15.44
C VAL A 337 21.52 16.56 -16.08
N THR A 338 21.50 17.84 -16.40
CA THR A 338 22.70 18.46 -16.91
C THR A 338 23.76 18.73 -15.81
N GLU A 339 23.33 18.93 -14.57
CA GLU A 339 24.20 19.23 -13.44
C GLU A 339 23.68 18.52 -12.19
N PRO A 340 24.33 17.41 -11.79
CA PRO A 340 23.94 16.66 -10.60
C PRO A 340 24.18 17.46 -9.33
N LEU A 341 23.81 16.92 -8.17
CA LEU A 341 23.99 17.66 -6.93
C LEU A 341 25.47 17.86 -6.65
N LYS A 342 25.83 19.03 -6.13
CA LYS A 342 27.23 19.27 -5.86
C LYS A 342 27.53 19.01 -4.38
N TYR A 343 28.57 18.23 -4.09
CA TYR A 343 29.00 18.02 -2.71
C TYR A 343 30.29 18.78 -2.52
N ASP A 344 30.62 19.04 -1.25
CA ASP A 344 31.85 19.69 -0.85
C ASP A 344 32.19 19.34 0.58
N ARG A 345 33.37 18.72 0.74
CA ARG A 345 33.93 18.42 2.07
C ARG A 345 32.87 17.76 2.93
N GLY A 346 32.10 16.88 2.29
CA GLY A 346 31.02 16.18 2.97
C GLY A 346 29.78 16.99 3.23
N GLU A 347 29.43 17.87 2.29
CA GLU A 347 28.21 18.67 2.42
C GLU A 347 27.50 18.83 1.09
N LEU A 348 26.18 18.80 1.11
CA LEU A 348 25.39 19.10 -0.07
C LEU A 348 25.20 20.60 -0.17
N LEU A 349 25.40 21.16 -1.36
CA LEU A 349 25.02 22.55 -1.62
C LEU A 349 23.60 22.54 -2.20
N ILE A 350 22.70 23.34 -1.67
CA ILE A 350 21.30 23.27 -2.15
C ILE A 350 21.06 23.93 -3.52
N PRO A 351 20.51 23.18 -4.48
CA PRO A 351 20.24 23.84 -5.75
C PRO A 351 19.39 25.11 -5.59
N THR A 352 19.72 26.13 -6.38
CA THR A 352 19.14 27.46 -6.29
C THR A 352 18.48 27.86 -7.61
N GLY A 353 18.78 27.13 -8.68
CA GLY A 353 18.26 27.44 -10.02
C GLY A 353 16.74 27.39 -10.00
N PRO A 354 16.08 27.80 -11.10
CA PRO A 354 14.61 27.80 -10.98
C PRO A 354 14.07 26.39 -10.93
N GLY A 355 12.81 26.27 -10.49
CA GLY A 355 12.15 24.97 -10.28
C GLY A 355 12.82 24.15 -9.21
N SER A 356 12.92 22.85 -9.47
CA SER A 356 13.69 21.94 -8.63
C SER A 356 15.16 22.30 -8.64
N GLY A 357 15.58 23.12 -9.60
CA GLY A 357 16.98 23.53 -9.71
C GLY A 357 17.92 22.72 -10.58
N VAL A 358 17.41 21.67 -11.22
CA VAL A 358 18.19 20.81 -12.14
C VAL A 358 17.38 20.67 -13.41
N ASN A 359 18.05 20.45 -14.54
CA ASN A 359 17.41 20.38 -15.85
C ASN A 359 17.62 19.05 -16.53
N LEU A 360 16.66 18.61 -17.33
CA LEU A 360 16.90 17.42 -18.15
C LEU A 360 18.12 17.49 -19.06
N ASP A 361 18.79 16.36 -19.20
CA ASP A 361 19.67 16.18 -20.33
C ASP A 361 19.05 15.12 -21.21
N GLU A 362 18.50 15.53 -22.33
CA GLU A 362 17.69 14.62 -23.14
C GLU A 362 18.48 13.50 -23.82
N GLU A 363 19.77 13.73 -23.99
CA GLU A 363 20.62 12.70 -24.53
C GLU A 363 20.84 11.62 -23.49
N ARG A 364 21.16 12.04 -22.26
CA ARG A 364 21.31 11.09 -21.16
C ARG A 364 20.01 10.32 -20.87
N LEU A 365 18.88 11.02 -20.90
CA LEU A 365 17.62 10.36 -20.70
C LEU A 365 17.47 9.25 -21.75
N ARG A 366 17.74 9.57 -23.01
CA ARG A 366 17.56 8.61 -24.09
C ARG A 366 18.50 7.48 -23.83
N LYS A 367 19.77 7.82 -23.53
CA LYS A 367 20.88 6.87 -23.36
C LYS A 367 20.59 5.87 -22.29
N TYR A 368 19.99 6.33 -21.19
CA TYR A 368 19.74 5.46 -20.06
C TYR A 368 18.30 5.02 -19.90
N SER A 369 17.44 5.31 -20.89
CA SER A 369 16.10 4.72 -20.87
C SER A 369 16.21 3.22 -20.95
N ARG A 370 15.32 2.52 -20.25
CA ARG A 370 15.29 1.08 -20.32
C ARG A 370 14.56 0.61 -21.58
N ASP A 371 15.12 -0.41 -22.24
CA ASP A 371 14.53 -1.05 -23.43
C ASP A 371 13.20 -1.72 -23.09
N MET B 1 13.89 -33.77 -5.42
CA MET B 1 12.67 -33.15 -4.81
C MET B 1 11.41 -34.01 -5.02
N THR B 2 10.36 -33.76 -4.22
CA THR B 2 8.98 -34.20 -4.52
C THR B 2 8.38 -33.22 -5.53
N THR B 3 7.08 -33.30 -5.80
CA THR B 3 6.35 -32.37 -6.68
C THR B 3 6.83 -30.90 -6.52
N THR B 4 7.05 -30.21 -7.64
CA THR B 4 7.34 -28.78 -7.60
C THR B 4 6.38 -28.01 -8.50
N ILE B 5 6.35 -26.69 -8.33
CA ILE B 5 5.67 -25.81 -9.29
C ILE B 5 6.65 -25.55 -10.43
N THR B 6 6.21 -25.98 -11.60
CA THR B 6 6.95 -25.84 -12.84
C THR B 6 6.57 -24.55 -13.57
N GLU B 7 5.31 -24.11 -13.39
CA GLU B 7 4.75 -22.97 -14.14
C GLU B 7 3.76 -22.16 -13.34
N MET B 8 3.76 -20.85 -13.56
CA MET B 8 2.66 -19.96 -13.14
C MET B 8 2.36 -18.91 -14.18
N SER B 9 1.08 -18.66 -14.41
CA SER B 9 0.70 -17.64 -15.37
C SER B 9 -0.30 -16.72 -14.74
N ALA B 10 -0.32 -15.49 -15.22
CA ALA B 10 -1.31 -14.53 -14.79
C ALA B 10 -1.94 -13.88 -16.03
N THR B 11 -3.24 -14.06 -16.22
CA THR B 11 -3.90 -13.59 -17.44
C THR B 11 -5.00 -12.59 -17.12
N ILE B 12 -4.88 -11.37 -17.64
CA ILE B 12 -5.96 -10.40 -17.48
C ILE B 12 -7.19 -10.80 -18.30
N VAL B 13 -8.35 -10.74 -17.66
CA VAL B 13 -9.54 -11.31 -18.23
C VAL B 13 -10.69 -10.35 -17.98
N ASP B 14 -11.34 -9.91 -19.06
CA ASP B 14 -12.43 -8.98 -18.92
C ASP B 14 -13.71 -9.74 -19.16
N LEU B 15 -14.54 -9.82 -18.13
CA LEU B 15 -15.79 -10.58 -18.22
C LEU B 15 -16.98 -9.64 -18.28
N PRO B 16 -17.92 -9.95 -19.19
CA PRO B 16 -19.18 -9.23 -19.39
C PRO B 16 -20.08 -9.26 -18.18
N SER B 17 -20.58 -8.08 -17.80
CA SER B 17 -21.43 -7.93 -16.62
C SER B 17 -22.61 -7.01 -16.93
N ARG B 18 -23.62 -7.03 -16.07
CA ARG B 18 -24.78 -6.10 -16.09
C ARG B 18 -24.53 -4.76 -15.34
N ARG B 19 -23.25 -4.43 -15.05
CA ARG B 19 -22.75 -3.19 -14.35
C ARG B 19 -23.18 -3.11 -12.90
N HIS B 29 -18.89 -1.81 -18.27
CA HIS B 29 -19.70 -2.97 -18.64
C HIS B 29 -18.89 -4.28 -18.62
N HIS B 30 -17.90 -4.32 -17.73
CA HIS B 30 -16.93 -5.43 -17.64
C HIS B 30 -16.31 -5.54 -16.23
N GLN B 31 -16.21 -6.75 -15.68
CA GLN B 31 -15.38 -6.97 -14.47
C GLN B 31 -14.04 -7.54 -14.88
N SER B 32 -12.98 -6.78 -14.69
CA SER B 32 -11.63 -7.29 -14.93
C SER B 32 -11.06 -8.06 -13.71
N ILE B 33 -10.44 -9.18 -14.01
CA ILE B 33 -9.82 -10.01 -13.01
C ILE B 33 -8.47 -10.33 -13.59
N VAL B 34 -7.64 -10.96 -12.79
CA VAL B 34 -6.42 -11.54 -13.31
C VAL B 34 -6.51 -12.94 -12.81
N LEU B 35 -6.53 -13.88 -13.74
CA LEU B 35 -6.59 -15.28 -13.39
C LEU B 35 -5.18 -15.88 -13.27
N VAL B 36 -4.91 -16.46 -12.10
CA VAL B 36 -3.62 -17.10 -11.84
C VAL B 36 -3.80 -18.58 -12.07
N ARG B 37 -2.74 -19.21 -12.58
CA ARG B 37 -2.75 -20.62 -12.92
C ARG B 37 -1.41 -21.18 -12.49
N VAL B 38 -1.45 -22.17 -11.61
CA VAL B 38 -0.25 -22.80 -11.09
C VAL B 38 -0.24 -24.25 -11.59
N ARG B 39 0.94 -24.72 -12.01
CA ARG B 39 1.10 -26.09 -12.47
C ARG B 39 2.14 -26.92 -11.70
N ASP B 40 1.75 -28.15 -11.39
CA ASP B 40 2.58 -29.19 -10.78
C ASP B 40 3.56 -29.74 -11.75
N SER B 41 4.64 -30.31 -11.25
CA SER B 41 5.40 -31.27 -12.03
C SER B 41 4.68 -32.63 -12.17
N ASP B 42 3.39 -32.68 -11.79
CA ASP B 42 2.56 -33.88 -11.98
C ASP B 42 1.37 -33.55 -12.86
N GLY B 43 1.42 -32.38 -13.49
CA GLY B 43 0.35 -32.00 -14.38
C GLY B 43 -0.87 -31.47 -13.68
N GLY B 44 -0.88 -31.46 -12.34
CA GLY B 44 -1.95 -30.77 -11.58
C GLY B 44 -1.92 -29.24 -11.67
N GLU B 45 -3.10 -28.63 -11.59
CA GLU B 45 -3.26 -27.20 -11.81
C GLU B 45 -4.09 -26.66 -10.68
N GLY B 46 -3.78 -25.45 -10.22
CA GLY B 46 -4.64 -24.70 -9.28
C GLY B 46 -4.91 -23.29 -9.80
N ILE B 47 -6.11 -22.79 -9.57
CA ILE B 47 -6.46 -21.47 -10.10
C ILE B 47 -6.88 -20.50 -8.98
N GLY B 48 -6.63 -19.21 -9.21
CA GLY B 48 -6.94 -18.13 -8.26
C GLY B 48 -7.19 -16.81 -8.99
N GLU B 49 -7.86 -15.87 -8.33
CA GLU B 49 -8.39 -14.68 -8.97
C GLU B 49 -7.94 -13.41 -8.26
N ALA B 50 -7.30 -12.48 -8.97
CA ALA B 50 -7.06 -11.17 -8.41
C ALA B 50 -8.21 -10.24 -8.86
N VAL B 51 -8.85 -9.58 -7.92
CA VAL B 51 -9.91 -8.63 -8.21
C VAL B 51 -9.84 -7.35 -7.42
N THR B 52 -10.39 -6.32 -8.06
CA THR B 52 -10.45 -4.96 -7.59
C THR B 52 -11.88 -4.48 -7.79
N PRO B 53 -12.42 -3.68 -6.85
CA PRO B 53 -13.76 -3.10 -7.02
C PRO B 53 -13.95 -2.53 -8.44
N GLY B 54 -13.13 -1.55 -8.81
CA GLY B 54 -12.98 -1.20 -10.20
C GLY B 54 -11.71 -0.42 -10.42
N GLY B 55 -10.56 -1.06 -10.20
CA GLY B 55 -9.27 -0.36 -10.25
C GLY B 55 -8.71 0.20 -8.96
N PRO B 56 -7.61 0.96 -9.05
CA PRO B 56 -6.88 1.41 -7.88
C PRO B 56 -7.58 2.39 -6.91
N TRP B 57 -8.87 2.68 -7.09
CA TRP B 57 -9.48 3.68 -6.22
C TRP B 57 -9.60 3.21 -4.76
N TRP B 58 -9.71 1.90 -4.54
CA TRP B 58 -10.11 1.32 -3.24
C TRP B 58 -8.89 0.92 -2.39
N GLY B 59 -8.14 -0.09 -2.83
CA GLY B 59 -6.71 -0.27 -2.45
C GLY B 59 -5.96 0.34 -3.63
N GLY B 60 -4.65 0.23 -3.68
CA GLY B 60 -3.95 0.86 -4.83
C GLY B 60 -3.60 -0.14 -5.92
N GLU B 61 -4.55 -0.99 -6.29
CA GLU B 61 -4.23 -2.14 -7.14
C GLU B 61 -5.06 -2.13 -8.39
N SER B 62 -4.47 -2.62 -9.46
CA SER B 62 -5.18 -2.76 -10.72
C SER B 62 -4.74 -4.02 -11.46
N VAL B 63 -5.62 -4.56 -12.27
CA VAL B 63 -5.26 -5.78 -13.01
C VAL B 63 -3.94 -5.66 -13.77
N GLU B 64 -3.70 -4.49 -14.38
CA GLU B 64 -2.47 -4.28 -15.15
C GLU B 64 -1.24 -4.34 -14.23
N THR B 65 -1.32 -3.70 -13.07
CA THR B 65 -0.18 -3.66 -12.16
C THR B 65 -0.04 -4.95 -11.40
N ILE B 66 -1.17 -5.61 -11.13
CA ILE B 66 -1.20 -6.93 -10.47
C ILE B 66 -0.45 -7.97 -11.32
N LYS B 67 -0.77 -7.96 -12.62
CA LYS B 67 -0.15 -8.91 -13.52
C LYS B 67 1.37 -8.83 -13.41
N THR B 68 1.89 -7.61 -13.46
CA THR B 68 3.32 -7.37 -13.36
C THR B 68 3.94 -7.87 -12.05
N ILE B 69 3.31 -7.49 -10.94
CA ILE B 69 3.80 -7.85 -9.62
C ILE B 69 3.95 -9.36 -9.54
N ILE B 70 2.89 -10.05 -9.92
CA ILE B 70 2.90 -11.50 -10.03
C ILE B 70 4.01 -12.02 -10.97
N ASP B 71 4.04 -11.53 -12.23
CA ASP B 71 4.92 -12.14 -13.25
C ASP B 71 6.35 -11.94 -12.87
N GLN B 72 6.67 -10.80 -12.26
CA GLN B 72 8.08 -10.38 -12.20
C GLN B 72 8.72 -10.41 -10.82
N TYR B 73 7.90 -10.05 -9.82
CA TYR B 73 8.34 -9.92 -8.45
C TYR B 73 7.89 -11.06 -7.54
N LEU B 74 6.73 -11.64 -7.78
CA LEU B 74 6.26 -12.74 -6.94
C LEU B 74 6.59 -14.15 -7.45
N ALA B 75 6.80 -14.31 -8.75
CA ALA B 75 6.93 -15.65 -9.30
C ALA B 75 8.25 -16.32 -8.89
N PRO B 76 9.37 -15.57 -8.85
CA PRO B 76 10.63 -16.14 -8.39
C PRO B 76 10.58 -16.90 -7.07
N VAL B 77 9.60 -16.63 -6.21
CA VAL B 77 9.42 -17.46 -4.99
C VAL B 77 8.35 -18.56 -5.08
N ILE B 78 7.73 -18.69 -6.26
CA ILE B 78 6.70 -19.69 -6.48
C ILE B 78 7.22 -20.79 -7.41
N ILE B 79 7.73 -20.45 -8.61
CA ILE B 79 8.38 -21.44 -9.46
C ILE B 79 9.49 -22.16 -8.69
N GLY B 80 9.56 -23.48 -8.82
CA GLY B 80 10.63 -24.22 -8.13
C GLY B 80 10.19 -24.90 -6.84
N ARG B 81 9.35 -24.24 -6.05
CA ARG B 81 9.05 -24.71 -4.70
C ARG B 81 8.12 -25.90 -4.62
N ASP B 82 8.10 -26.52 -3.45
CA ASP B 82 7.15 -27.55 -3.10
C ASP B 82 5.76 -26.89 -2.93
N PRO B 83 4.74 -27.33 -3.71
CA PRO B 83 3.41 -26.74 -3.54
C PRO B 83 2.85 -26.79 -2.11
N SER B 84 3.20 -27.82 -1.34
CA SER B 84 2.57 -28.02 -0.02
C SER B 84 2.94 -26.93 0.99
N THR B 85 3.86 -26.08 0.57
CA THR B 85 4.52 -25.11 1.42
C THR B 85 3.91 -23.74 1.19
N ILE B 86 2.63 -23.59 1.49
CA ILE B 86 1.87 -22.37 1.20
C ILE B 86 2.32 -21.26 2.14
N GLY B 87 2.56 -21.63 3.41
CA GLY B 87 3.04 -20.72 4.44
C GLY B 87 4.37 -20.12 4.04
N VAL B 88 5.38 -20.95 3.73
CA VAL B 88 6.67 -20.38 3.34
C VAL B 88 6.52 -19.51 2.09
N ALA B 89 5.60 -19.88 1.20
CA ALA B 89 5.33 -19.07 0.02
C ALA B 89 4.77 -17.68 0.36
N SER B 90 3.91 -17.62 1.36
CA SER B 90 3.29 -16.36 1.74
C SER B 90 4.33 -15.50 2.40
N GLN B 91 5.10 -16.14 3.27
CA GLN B 91 6.17 -15.46 3.99
C GLN B 91 7.20 -14.93 3.01
N SER B 92 7.65 -15.76 2.08
CA SER B 92 8.57 -15.33 1.03
C SER B 92 8.04 -14.19 0.16
N MET B 93 6.73 -14.17 -0.10
CA MET B 93 6.11 -13.05 -0.81
C MET B 93 6.12 -11.75 -0.02
N ASP B 94 5.68 -11.79 1.23
CA ASP B 94 5.79 -10.64 2.12
C ASP B 94 7.21 -10.01 2.09
N GLY B 95 8.24 -10.85 1.92
CA GLY B 95 9.62 -10.44 2.07
C GLY B 95 10.12 -9.69 0.87
N LEU B 96 9.53 -10.02 -0.27
CA LEU B 96 9.92 -9.40 -1.54
C LEU B 96 9.03 -8.23 -1.90
N VAL B 97 7.78 -8.29 -1.48
CA VAL B 97 6.82 -7.27 -1.85
C VAL B 97 6.08 -6.84 -0.64
N PHE B 98 6.24 -5.58 -0.25
CA PHE B 98 5.27 -5.00 0.65
C PHE B 98 3.91 -4.75 -0.04
N GLY B 99 2.84 -4.87 0.75
CA GLY B 99 1.49 -4.64 0.29
C GLY B 99 1.10 -5.60 -0.82
N ASN B 100 0.44 -5.06 -1.85
CA ASN B 100 -0.06 -5.85 -2.97
C ASN B 100 -0.78 -7.12 -2.53
N SER B 101 -1.74 -6.94 -1.64
CA SER B 101 -2.57 -8.05 -1.12
C SER B 101 -3.39 -8.81 -2.18
N VAL B 102 -4.02 -8.10 -3.12
CA VAL B 102 -4.87 -8.75 -4.14
C VAL B 102 -4.05 -9.66 -5.06
N ALA B 103 -2.88 -9.19 -5.47
CA ALA B 103 -1.95 -10.05 -6.21
C ALA B 103 -1.58 -11.25 -5.36
N LYS B 104 -1.14 -11.01 -4.13
CA LYS B 104 -0.78 -12.10 -3.24
C LYS B 104 -1.92 -13.09 -3.06
N ALA B 105 -3.13 -12.59 -2.80
CA ALA B 105 -4.26 -13.45 -2.53
C ALA B 105 -4.50 -14.39 -3.71
N ALA B 106 -4.35 -13.86 -4.92
CA ALA B 106 -4.56 -14.60 -6.14
C ALA B 106 -3.66 -15.83 -6.22
N ILE B 107 -2.36 -15.67 -5.96
CA ILE B 107 -1.42 -16.81 -5.89
C ILE B 107 -1.77 -17.74 -4.73
N GLU B 108 -2.03 -17.13 -3.57
CA GLU B 108 -2.20 -17.92 -2.35
C GLU B 108 -3.39 -18.84 -2.49
N THR B 109 -4.53 -18.28 -2.86
CA THR B 109 -5.72 -19.08 -3.11
C THR B 109 -5.49 -20.13 -4.21
N ALA B 110 -4.80 -19.74 -5.28
CA ALA B 110 -4.50 -20.71 -6.31
C ALA B 110 -3.79 -21.92 -5.68
N LEU B 111 -2.74 -21.67 -4.87
CA LEU B 111 -2.05 -22.74 -4.15
C LEU B 111 -3.00 -23.67 -3.31
N TRP B 112 -3.92 -23.03 -2.58
CA TRP B 112 -4.91 -23.80 -1.79
C TRP B 112 -5.80 -24.61 -2.71
N ASP B 113 -6.09 -24.05 -3.88
CA ASP B 113 -6.83 -24.75 -4.90
C ASP B 113 -6.10 -26.02 -5.35
N ASP B 114 -4.87 -25.84 -5.84
CA ASP B 114 -3.97 -26.93 -6.19
C ASP B 114 -3.95 -28.03 -5.06
N ARG B 115 -3.77 -27.64 -3.80
CA ARG B 115 -3.80 -28.64 -2.72
C ARG B 115 -5.08 -29.40 -2.60
N GLU B 116 -6.19 -28.66 -2.60
CA GLU B 116 -7.51 -29.24 -2.46
C GLU B 116 -7.71 -30.24 -3.58
N ARG B 117 -7.39 -29.83 -4.79
CA ARG B 117 -7.50 -30.72 -5.91
C ARG B 117 -6.48 -31.86 -5.91
N ARG B 118 -5.24 -31.68 -5.44
CA ARG B 118 -4.34 -32.87 -5.28
C ARG B 118 -4.88 -33.88 -4.23
N SER B 119 -5.33 -33.40 -3.06
CA SER B 119 -5.85 -34.25 -1.98
C SER B 119 -7.24 -34.78 -2.33
N ARG B 120 -7.87 -34.26 -3.37
CA ARG B 120 -9.22 -34.68 -3.75
C ARG B 120 -10.36 -34.16 -2.85
N ILE B 121 -10.08 -33.15 -2.02
CA ILE B 121 -11.08 -32.56 -1.08
C ILE B 121 -11.33 -31.04 -1.26
N PRO B 122 -12.54 -30.57 -0.90
CA PRO B 122 -12.83 -29.15 -0.82
C PRO B 122 -11.87 -28.44 0.13
N VAL B 123 -11.49 -27.20 -0.15
CA VAL B 123 -10.54 -26.52 0.72
C VAL B 123 -11.17 -26.33 2.09
N SER B 124 -12.50 -26.24 2.13
CA SER B 124 -13.23 -26.21 3.39
C SER B 124 -12.82 -27.33 4.36
N ASP B 125 -12.40 -28.48 3.84
CA ASP B 125 -11.87 -29.56 4.69
C ASP B 125 -10.53 -29.28 5.38
N LEU B 126 -9.63 -28.57 4.69
CA LEU B 126 -8.36 -28.12 5.24
C LEU B 126 -8.55 -27.06 6.33
N LEU B 127 -9.67 -26.35 6.23
CA LEU B 127 -10.11 -25.37 7.22
C LEU B 127 -10.92 -26.02 8.33
N GLY B 128 -10.94 -27.35 8.37
CA GLY B 128 -11.70 -28.06 9.38
C GLY B 128 -13.18 -28.22 9.08
N GLY B 129 -13.53 -28.19 7.80
CA GLY B 129 -14.88 -28.57 7.37
C GLY B 129 -15.90 -27.45 7.38
N LEU B 130 -17.01 -27.67 6.71
CA LEU B 130 -18.08 -26.71 6.74
C LEU B 130 -18.79 -26.69 8.08
N ARG B 131 -19.27 -25.52 8.48
CA ARG B 131 -20.23 -25.41 9.57
C ARG B 131 -21.61 -25.10 9.04
N ARG B 132 -21.72 -24.90 7.74
CA ARG B 132 -22.99 -24.65 7.08
C ARG B 132 -22.91 -25.00 5.59
N LYS B 133 -24.08 -25.23 4.98
CA LYS B 133 -24.14 -25.66 3.58
C LYS B 133 -24.64 -24.56 2.60
N ARG B 134 -25.59 -23.76 3.04
CA ARG B 134 -26.04 -22.62 2.25
C ARG B 134 -25.68 -21.35 3.02
N ILE B 135 -25.72 -20.19 2.36
CA ILE B 135 -25.62 -18.90 3.04
C ILE B 135 -26.59 -17.90 2.40
N PRO B 136 -27.47 -17.28 3.21
CA PRO B 136 -28.27 -16.16 2.70
C PRO B 136 -27.42 -15.01 2.16
N ILE B 137 -27.81 -14.51 1.00
CA ILE B 137 -27.10 -13.45 0.35
C ILE B 137 -27.77 -12.12 0.66
N THR B 138 -26.91 -11.15 0.93
CA THR B 138 -27.30 -9.80 1.15
C THR B 138 -27.09 -9.16 -0.20
N TRP B 139 -28.10 -8.42 -0.66
CA TRP B 139 -28.02 -7.81 -1.99
C TRP B 139 -27.57 -6.37 -1.89
N ALA B 140 -26.59 -6.03 -2.72
CA ALA B 140 -26.13 -4.65 -2.78
C ALA B 140 -26.58 -3.93 -4.03
N PHE B 141 -27.32 -2.84 -3.82
CA PHE B 141 -27.67 -1.94 -4.89
C PHE B 141 -26.46 -1.11 -5.28
N SER B 142 -26.42 -0.73 -6.56
CA SER B 142 -25.48 0.27 -7.06
C SER B 142 -25.70 1.59 -6.35
N ALA B 143 -24.83 2.56 -6.66
CA ALA B 143 -25.05 3.92 -6.21
C ALA B 143 -26.03 4.57 -7.17
N GLY B 144 -27.05 3.81 -7.56
CA GLY B 144 -28.03 4.20 -8.57
C GLY B 144 -29.02 5.26 -8.11
N SER B 145 -30.06 5.45 -8.90
CA SER B 145 -31.00 6.56 -8.76
C SER B 145 -32.25 6.03 -8.12
N ALA B 146 -32.96 6.88 -7.37
CA ALA B 146 -34.04 6.42 -6.48
C ALA B 146 -34.93 5.32 -7.10
N SER B 147 -35.82 5.71 -8.01
CA SER B 147 -36.75 4.81 -8.71
C SER B 147 -36.28 3.37 -8.95
N ASP B 148 -35.09 3.22 -9.55
CA ASP B 148 -34.52 1.91 -9.92
C ASP B 148 -34.38 0.93 -8.77
N LEU B 149 -34.14 1.49 -7.60
CA LEU B 149 -33.87 0.70 -6.42
C LEU B 149 -35.20 0.27 -5.76
N ILE B 150 -36.27 1.06 -5.93
CA ILE B 150 -37.60 0.59 -5.50
C ILE B 150 -38.10 -0.51 -6.44
N ASP B 151 -37.65 -0.45 -7.69
CA ASP B 151 -37.84 -1.54 -8.65
C ASP B 151 -37.05 -2.78 -8.21
N GLU B 152 -35.72 -2.69 -8.32
CA GLU B 152 -34.78 -3.80 -8.08
C GLU B 152 -34.95 -4.52 -6.73
N ALA B 153 -35.39 -3.78 -5.72
CA ALA B 153 -35.68 -4.37 -4.42
C ALA B 153 -36.86 -5.32 -4.53
N ALA B 154 -38.04 -4.81 -4.88
CA ALA B 154 -39.26 -5.64 -5.01
C ALA B 154 -39.02 -6.89 -5.89
N GLN B 155 -38.09 -6.79 -6.83
CA GLN B 155 -37.60 -7.95 -7.58
C GLN B 155 -36.76 -8.93 -6.72
N LYS B 156 -35.51 -8.56 -6.40
CA LYS B 156 -34.61 -9.36 -5.54
C LYS B 156 -35.25 -9.72 -4.17
N LEU B 157 -36.16 -8.86 -3.70
CA LEU B 157 -36.93 -9.11 -2.48
C LEU B 157 -37.86 -10.32 -2.62
N ASP B 158 -38.70 -10.31 -3.68
CA ASP B 158 -39.64 -11.39 -3.89
C ASP B 158 -38.93 -12.69 -4.27
N VAL B 159 -37.76 -12.58 -4.91
CA VAL B 159 -36.99 -13.79 -5.24
C VAL B 159 -36.26 -14.44 -4.04
N GLY B 160 -36.49 -13.92 -2.83
CA GLY B 160 -35.90 -14.51 -1.62
C GLY B 160 -35.11 -13.62 -0.66
N HIS B 161 -34.11 -12.88 -1.18
CA HIS B 161 -33.25 -12.00 -0.36
C HIS B 161 -34.00 -11.24 0.75
N ARG B 162 -33.50 -11.30 1.98
CA ARG B 162 -34.11 -10.55 3.10
C ARG B 162 -33.11 -9.57 3.77
N SER B 163 -31.98 -9.36 3.11
CA SER B 163 -30.86 -8.61 3.67
C SER B 163 -30.23 -7.77 2.56
N PHE B 164 -29.95 -6.50 2.84
CA PHE B 164 -29.53 -5.52 1.83
C PHE B 164 -28.42 -4.52 2.18
N LYS B 165 -27.78 -4.02 1.14
CA LYS B 165 -26.77 -3.01 1.28
C LYS B 165 -26.90 -1.94 0.19
N PHE B 166 -27.10 -0.68 0.60
CA PHE B 166 -27.04 0.44 -0.32
C PHE B 166 -25.59 0.96 -0.38
N LYS B 167 -24.91 0.76 -1.51
CA LYS B 167 -23.59 1.37 -1.80
C LYS B 167 -23.68 2.93 -1.84
N MET B 168 -22.96 3.63 -0.98
CA MET B 168 -22.99 5.10 -1.02
C MET B 168 -21.62 5.71 -1.31
N GLY B 169 -21.55 7.03 -1.45
CA GLY B 169 -20.29 7.70 -1.66
C GLY B 169 -20.12 8.52 -2.93
N ALA B 170 -20.83 8.16 -4.00
CA ALA B 170 -20.69 8.88 -5.29
C ALA B 170 -21.39 10.24 -5.30
N GLU B 171 -22.49 10.36 -4.56
CA GLU B 171 -23.23 11.62 -4.42
C GLU B 171 -22.74 12.38 -3.20
N PRO B 172 -23.14 13.67 -3.06
CA PRO B 172 -22.94 14.42 -1.81
C PRO B 172 -23.79 13.89 -0.65
N ALA B 173 -23.16 13.63 0.49
CA ALA B 173 -23.81 12.93 1.61
C ALA B 173 -25.28 13.26 1.79
N ASP B 174 -25.63 14.54 1.78
CA ASP B 174 -27.03 14.99 1.97
C ASP B 174 -28.05 14.42 0.96
N THR B 175 -27.84 14.66 -0.33
CA THR B 175 -28.77 14.13 -1.32
C THR B 175 -28.65 12.62 -1.36
N ASP B 176 -27.42 12.12 -1.20
CA ASP B 176 -27.15 10.68 -1.17
C ASP B 176 -27.98 9.96 -0.11
N SER B 177 -28.23 10.63 1.00
CA SER B 177 -29.12 10.11 2.02
C SER B 177 -30.56 10.15 1.56
N ARG B 178 -30.95 11.27 0.93
CA ARG B 178 -32.35 11.49 0.57
C ARG B 178 -32.76 10.38 -0.38
N ARG B 179 -31.83 10.00 -1.26
CA ARG B 179 -31.97 8.84 -2.14
C ARG B 179 -32.16 7.53 -1.37
N VAL B 180 -31.25 7.24 -0.44
CA VAL B 180 -31.30 5.96 0.27
C VAL B 180 -32.54 5.92 1.16
N LEU B 181 -32.87 7.04 1.77
CA LEU B 181 -34.08 7.18 2.59
C LEU B 181 -35.39 6.93 1.79
N ASP B 182 -35.44 7.45 0.55
CA ASP B 182 -36.55 7.23 -0.41
C ASP B 182 -36.72 5.73 -0.73
N VAL B 183 -35.67 5.06 -1.19
CA VAL B 183 -35.73 3.61 -1.44
C VAL B 183 -36.29 2.83 -0.23
N LEU B 184 -35.85 3.25 0.94
CA LEU B 184 -36.18 2.55 2.16
C LEU B 184 -37.67 2.57 2.43
N GLU B 185 -38.31 3.73 2.29
CA GLU B 185 -39.73 3.87 2.64
C GLU B 185 -40.62 2.72 2.10
N CYS B 186 -40.17 1.96 1.09
CA CYS B 186 -40.81 0.68 0.78
C CYS B 186 -39.84 -0.53 0.68
N ILE B 187 -39.25 -0.83 1.84
CA ILE B 187 -38.53 -2.07 2.18
C ILE B 187 -39.03 -2.48 3.58
N PRO B 188 -39.49 -3.73 3.77
CA PRO B 188 -40.12 -4.04 5.05
C PRO B 188 -39.21 -3.66 6.22
N ASP B 189 -39.75 -2.90 7.17
CA ASP B 189 -39.06 -2.55 8.42
C ASP B 189 -38.31 -3.78 9.00
N GLU B 190 -38.79 -4.98 8.71
CA GLU B 190 -38.18 -6.24 9.19
C GLU B 190 -36.81 -6.60 8.57
N CYS B 191 -36.53 -6.10 7.38
CA CYS B 191 -35.25 -6.40 6.69
C CYS B 191 -33.99 -5.80 7.32
N ALA B 192 -32.85 -6.40 6.96
CA ALA B 192 -31.53 -5.93 7.38
C ALA B 192 -30.91 -4.98 6.33
N VAL B 193 -30.44 -3.81 6.76
CA VAL B 193 -29.87 -2.82 5.86
C VAL B 193 -28.48 -2.30 6.27
N ILE B 194 -27.49 -2.51 5.39
CA ILE B 194 -26.15 -2.00 5.56
C ILE B 194 -25.98 -0.77 4.66
N VAL B 195 -25.35 0.27 5.17
CA VAL B 195 -24.91 1.39 4.30
C VAL B 195 -23.35 1.47 4.23
N ASP B 196 -22.82 1.76 3.04
CA ASP B 196 -21.38 1.71 2.82
C ASP B 196 -20.95 2.91 2.00
N PRO B 197 -20.75 4.05 2.67
CA PRO B 197 -20.22 5.25 2.07
C PRO B 197 -18.81 5.10 1.54
N ASN B 198 -18.20 3.93 1.73
CA ASN B 198 -16.81 3.70 1.30
C ASN B 198 -15.78 4.59 2.01
N GLY B 199 -16.06 4.95 3.25
CA GLY B 199 -15.20 5.88 3.98
C GLY B 199 -15.14 7.29 3.42
N ARG B 200 -16.09 7.64 2.55
CA ARG B 200 -16.08 8.96 1.88
C ARG B 200 -16.74 10.06 2.71
N TRP B 201 -17.40 9.70 3.80
CA TRP B 201 -18.07 10.72 4.62
C TRP B 201 -17.14 11.35 5.62
N SER B 202 -17.38 12.62 5.91
CA SER B 202 -16.61 13.28 6.91
C SER B 202 -17.20 12.85 8.25
N GLU B 203 -16.45 13.07 9.31
CA GLU B 203 -16.95 12.75 10.62
C GLU B 203 -18.29 13.45 10.85
N LEU B 204 -18.36 14.72 10.50
CA LEU B 204 -19.61 15.50 10.67
C LEU B 204 -20.83 14.96 9.90
N GLU B 205 -20.63 14.54 8.65
CA GLU B 205 -21.72 14.00 7.84
C GLU B 205 -22.19 12.66 8.37
N ALA B 206 -21.27 11.88 8.92
CA ALA B 206 -21.62 10.60 9.50
C ALA B 206 -22.49 10.79 10.74
N HIS B 207 -22.19 11.82 11.54
CA HIS B 207 -22.94 12.08 12.78
C HIS B 207 -24.31 12.70 12.53
N ARG B 208 -24.44 13.46 11.45
CA ARG B 208 -25.73 14.08 11.20
C ARG B 208 -26.68 13.18 10.42
N TRP B 209 -26.15 12.41 9.48
CA TRP B 209 -26.97 11.64 8.54
C TRP B 209 -27.22 10.21 8.93
N LEU B 210 -26.34 9.66 9.74
CA LEU B 210 -26.38 8.25 10.01
C LEU B 210 -27.45 7.89 11.03
N PRO B 211 -27.66 8.73 12.07
CA PRO B 211 -28.82 8.50 12.94
C PRO B 211 -30.14 8.50 12.16
N ILE B 212 -30.28 9.42 11.19
CA ILE B 212 -31.52 9.59 10.44
C ILE B 212 -31.87 8.32 9.66
N LEU B 213 -30.87 7.74 8.99
CA LEU B 213 -31.05 6.46 8.28
C LEU B 213 -31.32 5.30 9.24
N ALA B 214 -30.73 5.33 10.42
CA ALA B 214 -30.95 4.26 11.38
C ALA B 214 -32.43 4.24 11.74
N ASP B 215 -33.01 5.42 11.95
CA ASP B 215 -34.41 5.54 12.29
C ASP B 215 -35.27 5.00 11.15
N ALA B 216 -34.93 5.41 9.93
CA ALA B 216 -35.58 4.86 8.76
C ALA B 216 -35.29 3.36 8.51
N GLY B 217 -34.65 2.68 9.46
CA GLY B 217 -34.43 1.22 9.42
C GLY B 217 -33.08 0.68 8.94
N VAL B 218 -32.09 1.57 8.79
CA VAL B 218 -30.75 1.12 8.45
C VAL B 218 -30.19 0.33 9.64
N THR B 219 -29.47 -0.73 9.35
CA THR B 219 -29.07 -1.69 10.38
C THR B 219 -27.59 -1.65 10.76
N VAL B 220 -26.73 -1.24 9.83
CA VAL B 220 -25.29 -1.39 9.97
C VAL B 220 -24.59 -0.32 9.14
N ALA B 221 -23.71 0.47 9.74
CA ALA B 221 -22.87 1.36 8.94
C ALA B 221 -21.52 0.71 8.64
N GLU B 222 -21.35 0.27 7.39
CA GLU B 222 -20.06 -0.20 6.86
C GLU B 222 -19.20 1.03 6.60
N GLN B 223 -17.98 1.04 7.14
CA GLN B 223 -16.94 2.02 6.91
C GLN B 223 -17.45 3.39 6.48
N PRO B 224 -18.08 4.12 7.41
CA PRO B 224 -18.67 5.42 7.05
C PRO B 224 -17.61 6.49 6.80
N ILE B 225 -16.55 6.46 7.59
CA ILE B 225 -15.51 7.50 7.52
C ILE B 225 -14.16 6.89 7.10
N ALA B 226 -13.12 7.71 6.98
CA ALA B 226 -11.82 7.29 6.41
C ALA B 226 -11.12 6.15 7.20
N ARG B 227 -10.40 5.31 6.45
CA ARG B 227 -9.85 4.05 6.95
C ARG B 227 -8.89 4.19 8.15
N TRP B 228 -8.22 5.34 8.22
CA TRP B 228 -7.22 5.63 9.25
C TRP B 228 -7.84 6.23 10.50
N ASN B 229 -9.12 6.57 10.44
CA ASN B 229 -9.73 7.34 11.53
C ASN B 229 -10.33 6.51 12.69
N THR B 230 -9.45 5.76 13.34
CA THR B 230 -9.83 4.90 14.45
C THR B 230 -10.65 5.65 15.51
N ASP B 231 -10.14 6.77 16.02
CA ASP B 231 -10.89 7.53 17.02
C ASP B 231 -12.33 7.87 16.57
N GLY B 232 -12.47 8.32 15.32
CA GLY B 232 -13.76 8.70 14.77
C GLY B 232 -14.67 7.50 14.70
N LEU B 233 -14.13 6.40 14.20
CA LEU B 233 -14.86 5.16 14.19
C LEU B 233 -15.31 4.83 15.62
N ALA B 234 -14.39 4.91 16.60
CA ALA B 234 -14.74 4.69 18.04
C ALA B 234 -15.83 5.64 18.55
N ARG B 235 -15.68 6.94 18.27
CA ARG B 235 -16.68 7.96 18.61
C ARG B 235 -18.06 7.61 18.06
N LEU B 236 -18.10 7.07 16.84
CA LEU B 236 -19.35 6.65 16.22
C LEU B 236 -19.94 5.36 16.79
N ARG B 237 -19.09 4.34 17.04
CA ARG B 237 -19.57 3.04 17.53
C ARG B 237 -20.41 3.29 18.76
N ASP B 238 -20.01 4.33 19.49
CA ASP B 238 -20.57 4.68 20.77
C ASP B 238 -21.76 5.67 20.68
N LYS B 239 -21.72 6.60 19.74
CA LYS B 239 -22.77 7.57 19.69
C LYS B 239 -23.98 7.08 18.89
N LEU B 240 -23.81 6.04 18.08
CA LEU B 240 -24.93 5.51 17.30
C LEU B 240 -25.71 4.42 18.01
N SER B 241 -26.94 4.19 17.55
CA SER B 241 -27.76 3.07 18.04
C SER B 241 -27.55 1.83 17.14
N ILE B 242 -26.77 1.98 16.08
CA ILE B 242 -26.44 0.84 15.25
C ILE B 242 -24.95 0.46 15.31
N PRO B 243 -24.62 -0.79 14.92
CA PRO B 243 -23.21 -1.19 14.88
C PRO B 243 -22.46 -0.58 13.71
N ILE B 244 -21.17 -0.37 13.91
CA ILE B 244 -20.22 0.10 12.90
C ILE B 244 -19.47 -1.13 12.40
N MET B 245 -19.28 -1.25 11.08
CA MET B 245 -18.48 -2.33 10.54
C MET B 245 -17.29 -1.83 9.72
N ALA B 246 -16.08 -2.20 10.14
CA ALA B 246 -14.89 -1.92 9.38
C ALA B 246 -14.84 -2.75 8.09
N ASP B 247 -14.29 -2.19 7.03
CA ASP B 247 -13.96 -2.91 5.78
C ASP B 247 -12.56 -2.43 5.31
N GLU B 248 -12.51 -1.21 4.78
CA GLU B 248 -11.25 -0.58 4.37
C GLU B 248 -10.23 -0.54 5.53
N SER B 249 -10.78 -0.55 6.75
CA SER B 249 -9.99 -0.45 7.95
C SER B 249 -9.44 -1.80 8.41
N VAL B 250 -9.99 -2.93 7.95
CA VAL B 250 -9.40 -4.23 8.32
C VAL B 250 -8.87 -4.91 7.11
N THR B 251 -7.59 -4.77 6.88
CA THR B 251 -7.00 -5.45 5.75
C THR B 251 -5.91 -6.36 6.28
N THR B 252 -5.50 -6.11 7.50
CA THR B 252 -4.49 -6.96 8.12
C THR B 252 -4.86 -7.40 9.52
N VAL B 253 -4.14 -8.41 9.96
CA VAL B 253 -4.32 -9.02 11.24
C VAL B 253 -3.94 -8.03 12.36
N GLN B 254 -2.94 -7.17 12.13
CA GLN B 254 -2.60 -6.04 13.04
C GLN B 254 -3.67 -4.92 13.12
N GLN B 255 -4.40 -4.71 12.04
CA GLN B 255 -5.47 -3.74 12.07
C GLN B 255 -6.68 -4.27 12.83
N ALA B 256 -7.05 -5.51 12.53
CA ALA B 256 -8.09 -6.20 13.30
C ALA B 256 -7.82 -6.08 14.80
N ILE B 257 -6.55 -6.30 15.19
CA ILE B 257 -6.18 -6.26 16.62
C ILE B 257 -6.29 -4.86 17.21
N ALA B 258 -5.74 -3.89 16.49
CA ALA B 258 -5.85 -2.50 16.90
C ALA B 258 -7.31 -2.04 17.11
N LEU B 259 -8.21 -2.38 16.16
CA LEU B 259 -9.61 -1.98 16.24
C LEU B 259 -10.33 -2.60 17.43
N ALA B 260 -10.13 -3.90 17.62
CA ALA B 260 -10.65 -4.60 18.79
C ALA B 260 -10.26 -3.83 20.06
N ASP B 261 -8.97 -3.65 20.23
CA ASP B 261 -8.38 -2.90 21.30
C ASP B 261 -8.99 -1.54 21.56
N ALA B 262 -9.10 -0.76 20.48
CA ALA B 262 -9.51 0.62 20.58
C ALA B 262 -11.04 0.72 20.72
N GLY B 263 -11.71 -0.42 20.81
CA GLY B 263 -13.16 -0.53 20.72
C GLY B 263 -13.73 0.25 19.56
N ALA B 264 -13.10 0.17 18.38
CA ALA B 264 -13.47 1.04 17.27
C ALA B 264 -14.71 0.63 16.45
N VAL B 265 -14.98 -0.67 16.32
CA VAL B 265 -16.05 -1.14 15.46
C VAL B 265 -16.81 -2.30 16.06
N SER B 266 -18.01 -2.56 15.55
CA SER B 266 -18.88 -3.58 16.09
C SER B 266 -18.69 -4.93 15.41
N ALA B 267 -18.03 -4.90 14.23
CA ALA B 267 -17.98 -6.00 13.25
C ALA B 267 -16.86 -5.78 12.22
N PHE B 268 -16.42 -6.85 11.56
CA PHE B 268 -15.42 -6.77 10.50
C PHE B 268 -16.01 -7.32 9.23
N ALA B 269 -15.78 -6.67 8.10
CA ALA B 269 -16.06 -7.30 6.80
C ALA B 269 -14.88 -8.19 6.35
N ILE B 270 -15.10 -9.50 6.29
CA ILE B 270 -14.06 -10.40 5.85
C ILE B 270 -14.09 -10.61 4.34
N LYS B 271 -12.97 -10.35 3.65
CA LYS B 271 -12.82 -10.57 2.19
C LYS B 271 -11.43 -11.13 2.00
N ILE B 272 -11.23 -12.07 1.06
CA ILE B 272 -9.93 -12.71 0.90
C ILE B 272 -8.87 -11.83 0.22
N PRO B 273 -9.26 -11.09 -0.86
CA PRO B 273 -8.34 -10.22 -1.62
C PRO B 273 -7.62 -9.14 -0.81
N LYS B 274 -8.38 -8.28 -0.12
CA LYS B 274 -7.76 -7.25 0.72
C LYS B 274 -6.90 -7.87 1.81
N SER B 275 -7.27 -9.06 2.27
CA SER B 275 -6.54 -9.68 3.37
C SER B 275 -5.26 -10.32 2.89
N GLY B 276 -5.14 -10.54 1.60
CA GLY B 276 -3.94 -11.16 1.05
C GLY B 276 -3.91 -12.68 1.03
N GLY B 277 -5.06 -13.27 1.34
CA GLY B 277 -5.19 -14.71 1.15
C GLY B 277 -6.17 -15.38 2.07
N LEU B 278 -6.29 -16.67 1.88
CA LEU B 278 -7.17 -17.46 2.67
C LEU B 278 -6.73 -17.42 4.14
N SER B 279 -5.52 -17.89 4.44
CA SER B 279 -5.06 -17.99 5.83
C SER B 279 -5.25 -16.67 6.61
N ARG B 280 -4.84 -15.55 6.01
CA ARG B 280 -4.94 -14.21 6.63
C ARG B 280 -6.36 -13.75 6.88
N ALA B 281 -7.23 -13.83 5.86
CA ALA B 281 -8.68 -13.48 6.06
C ALA B 281 -9.27 -14.28 7.21
N ARG B 282 -8.96 -15.57 7.27
CA ARG B 282 -9.41 -16.44 8.36
C ARG B 282 -8.83 -15.96 9.67
N GLU B 283 -7.52 -15.67 9.70
CA GLU B 283 -6.89 -15.19 10.91
C GLU B 283 -7.58 -13.93 11.38
N ILE B 284 -7.90 -13.04 10.46
CA ILE B 284 -8.63 -11.83 10.82
C ILE B 284 -9.97 -12.20 11.49
N ALA B 285 -10.67 -13.20 10.96
CA ALA B 285 -11.99 -13.60 11.49
C ALA B 285 -11.84 -14.18 12.88
N ALA B 286 -10.76 -14.93 13.07
CA ALA B 286 -10.40 -15.48 14.38
C ALA B 286 -10.29 -14.35 15.38
N ILE B 287 -9.66 -13.26 14.97
CA ILE B 287 -9.58 -12.12 15.87
C ILE B 287 -10.96 -11.61 16.26
N ALA B 288 -11.85 -11.41 15.28
CA ALA B 288 -13.25 -11.01 15.57
C ALA B 288 -13.89 -11.91 16.65
N GLU B 289 -13.76 -13.23 16.51
CA GLU B 289 -14.23 -14.17 17.52
C GLU B 289 -13.61 -13.92 18.90
N ALA B 290 -12.31 -13.62 18.96
CA ALA B 290 -11.61 -13.54 20.24
C ALA B 290 -11.93 -12.25 20.95
N SER B 291 -12.48 -11.31 20.21
CA SER B 291 -12.87 -10.04 20.80
C SER B 291 -14.38 -9.84 20.82
N GLY B 292 -15.11 -10.81 20.29
CA GLY B 292 -16.59 -10.77 20.32
C GLY B 292 -17.24 -9.76 19.40
N LEU B 293 -16.54 -9.44 18.31
CA LEU B 293 -17.01 -8.66 17.20
C LEU B 293 -17.53 -9.61 16.13
N ALA B 294 -18.46 -9.13 15.34
CA ALA B 294 -19.15 -9.98 14.40
C ALA B 294 -18.49 -9.98 13.01
N CYS B 295 -18.70 -11.03 12.21
CA CYS B 295 -18.19 -11.00 10.83
C CYS B 295 -19.29 -10.92 9.76
N PHE B 296 -18.90 -10.35 8.62
CA PHE B 296 -19.72 -10.22 7.45
C PHE B 296 -18.93 -10.92 6.37
N GLY B 297 -19.61 -11.72 5.56
CA GLY B 297 -18.93 -12.40 4.47
C GLY B 297 -18.97 -11.50 3.27
N ALA B 298 -17.99 -10.60 3.20
CA ALA B 298 -17.98 -9.49 2.25
C ALA B 298 -17.49 -9.85 0.86
N ALA B 299 -17.60 -8.89 -0.04
CA ALA B 299 -17.24 -9.08 -1.44
C ALA B 299 -16.45 -7.89 -1.98
N THR B 300 -15.47 -8.24 -2.83
CA THR B 300 -14.58 -7.30 -3.51
C THR B 300 -15.29 -6.34 -4.51
N PRO B 301 -16.21 -6.82 -5.40
CA PRO B 301 -16.73 -8.17 -5.71
C PRO B 301 -15.80 -8.96 -6.65
N GLU B 302 -16.24 -10.15 -7.00
CA GLU B 302 -15.41 -11.16 -7.64
C GLU B 302 -16.31 -12.02 -8.56
N SER B 303 -15.66 -12.75 -9.44
CA SER B 303 -16.29 -13.82 -10.18
C SER B 303 -16.32 -15.10 -9.32
N SER B 304 -16.45 -16.25 -9.94
CA SER B 304 -16.70 -17.47 -9.17
C SER B 304 -15.42 -18.13 -8.73
N VAL B 305 -14.30 -17.77 -9.35
CA VAL B 305 -13.00 -18.29 -8.95
C VAL B 305 -12.78 -17.88 -7.47
N MET B 306 -12.69 -16.56 -7.23
CA MET B 306 -12.50 -16.02 -5.89
C MET B 306 -13.77 -16.28 -5.09
N GLY B 307 -14.92 -16.18 -5.76
CA GLY B 307 -16.21 -16.43 -5.13
C GLY B 307 -16.31 -17.81 -4.47
N ALA B 308 -15.94 -18.85 -5.20
CA ALA B 308 -16.02 -20.22 -4.71
C ALA B 308 -15.23 -20.44 -3.40
N ILE B 309 -13.93 -20.14 -3.46
CA ILE B 309 -12.98 -20.32 -2.34
C ILE B 309 -13.43 -19.48 -1.14
N SER B 310 -13.96 -18.29 -1.44
CA SER B 310 -14.51 -17.40 -0.43
C SER B 310 -15.71 -18.02 0.28
N ALA B 311 -16.60 -18.62 -0.52
CA ALA B 311 -17.86 -19.16 -0.03
C ALA B 311 -17.52 -20.33 0.85
N GLN B 312 -16.46 -21.04 0.47
CA GLN B 312 -15.96 -22.13 1.31
C GLN B 312 -15.37 -21.61 2.63
N LEU B 313 -14.59 -20.55 2.54
CA LEU B 313 -14.08 -19.90 3.74
C LEU B 313 -15.21 -19.46 4.66
N TYR B 314 -16.16 -18.70 4.11
CA TYR B 314 -17.28 -18.21 4.90
C TYR B 314 -18.06 -19.36 5.48
N GLY B 315 -18.11 -20.47 4.74
CA GLY B 315 -18.72 -21.70 5.21
C GLY B 315 -18.07 -22.32 6.45
N THR B 316 -16.75 -22.24 6.55
CA THR B 316 -16.08 -22.81 7.71
C THR B 316 -16.04 -21.87 8.92
N MET B 317 -16.44 -20.62 8.71
CA MET B 317 -16.28 -19.62 9.75
C MET B 317 -17.29 -19.78 10.90
N PRO B 318 -16.85 -19.51 12.15
CA PRO B 318 -17.73 -19.63 13.32
C PRO B 318 -18.88 -18.65 13.26
N ASP B 319 -18.60 -17.43 12.81
CA ASP B 319 -19.59 -16.38 12.86
C ASP B 319 -19.69 -15.71 11.51
N LEU B 320 -20.94 -15.50 11.10
CA LEU B 320 -21.29 -14.86 9.86
C LEU B 320 -22.59 -14.08 10.09
N SER B 321 -22.81 -13.60 11.30
CA SER B 321 -24.10 -13.00 11.66
C SER B 321 -24.44 -11.65 11.02
N VAL B 322 -23.48 -10.91 10.53
CA VAL B 322 -23.82 -9.67 9.86
C VAL B 322 -24.41 -9.98 8.47
N GLY B 323 -24.09 -11.17 7.96
CA GLY B 323 -24.63 -11.63 6.69
C GLY B 323 -23.54 -12.00 5.72
N CYS B 324 -23.92 -12.06 4.46
CA CYS B 324 -22.98 -12.40 3.41
C CYS B 324 -23.48 -11.81 2.10
N GLU B 325 -22.58 -11.17 1.36
CA GLU B 325 -22.94 -10.35 0.20
C GLU B 325 -22.24 -10.89 -1.06
N LEU B 326 -21.94 -12.18 -1.07
CA LEU B 326 -21.39 -12.83 -2.26
C LEU B 326 -22.40 -12.99 -3.39
N PHE B 327 -22.96 -11.88 -3.89
CA PHE B 327 -23.95 -11.87 -4.99
C PHE B 327 -23.22 -11.66 -6.32
N GLY B 328 -21.98 -11.17 -6.22
CA GLY B 328 -21.18 -10.76 -7.37
C GLY B 328 -21.21 -11.65 -8.61
N PRO B 329 -20.94 -12.95 -8.47
CA PRO B 329 -20.94 -13.75 -9.69
C PRO B 329 -22.29 -13.67 -10.43
N GLY B 330 -23.38 -13.69 -9.68
CA GLY B 330 -24.73 -13.58 -10.25
C GLY B 330 -24.95 -12.40 -11.20
N LEU B 331 -24.08 -11.40 -11.13
CA LEU B 331 -24.18 -10.27 -12.02
C LEU B 331 -23.40 -10.43 -13.32
N LEU B 332 -22.75 -11.57 -13.50
CA LEU B 332 -21.93 -11.79 -14.68
C LEU B 332 -22.71 -12.48 -15.81
N ILE B 333 -22.51 -12.00 -17.02
CA ILE B 333 -23.22 -12.59 -18.14
C ILE B 333 -22.55 -13.89 -18.52
N ASP B 334 -21.23 -13.93 -18.39
CA ASP B 334 -20.48 -15.16 -18.64
C ASP B 334 -19.33 -15.26 -17.65
N GLU B 335 -18.59 -16.37 -17.70
CA GLU B 335 -17.62 -16.69 -16.68
C GLU B 335 -16.46 -17.46 -17.32
N VAL B 336 -15.36 -17.66 -16.58
CA VAL B 336 -14.28 -18.54 -17.06
C VAL B 336 -14.19 -19.86 -16.28
N VAL B 337 -15.25 -20.22 -15.61
CA VAL B 337 -15.25 -21.55 -15.06
C VAL B 337 -16.27 -22.38 -15.81
N THR B 338 -16.11 -23.70 -15.78
CA THR B 338 -17.10 -24.61 -16.35
C THR B 338 -18.44 -24.49 -15.63
N GLU B 339 -18.45 -24.00 -14.39
CA GLU B 339 -19.68 -24.08 -13.59
C GLU B 339 -19.78 -23.04 -12.46
N PRO B 340 -20.40 -21.88 -12.75
CA PRO B 340 -20.53 -20.77 -11.82
C PRO B 340 -21.33 -21.09 -10.58
N LEU B 341 -21.16 -20.26 -9.54
CA LEU B 341 -21.83 -20.41 -8.26
C LEU B 341 -23.33 -20.53 -8.45
N LYS B 342 -23.92 -21.57 -7.87
CA LYS B 342 -25.36 -21.72 -7.91
C LYS B 342 -26.03 -20.98 -6.74
N TYR B 343 -27.06 -20.19 -7.05
CA TYR B 343 -27.95 -19.57 -6.05
C TYR B 343 -29.35 -20.21 -6.04
N ASP B 344 -30.15 -19.95 -5.02
CA ASP B 344 -31.44 -20.61 -4.85
C ASP B 344 -32.29 -19.81 -3.87
N ARG B 345 -33.42 -19.29 -4.36
CA ARG B 345 -34.34 -18.48 -3.57
C ARG B 345 -33.56 -17.54 -2.65
N GLY B 346 -32.55 -16.90 -3.25
CA GLY B 346 -31.73 -15.89 -2.57
C GLY B 346 -30.78 -16.42 -1.51
N GLU B 347 -30.27 -17.62 -1.73
CA GLU B 347 -29.23 -18.19 -0.88
C GLU B 347 -28.14 -18.70 -1.76
N LEU B 348 -26.90 -18.59 -1.30
CA LEU B 348 -25.79 -19.14 -2.04
C LEU B 348 -25.59 -20.57 -1.62
N LEU B 349 -25.20 -21.39 -2.59
CA LEU B 349 -25.07 -22.78 -2.39
C LEU B 349 -23.57 -23.09 -2.40
N ILE B 350 -22.98 -23.43 -1.24
CA ILE B 350 -21.51 -23.56 -1.13
C ILE B 350 -20.85 -24.66 -1.96
N PRO B 351 -19.91 -24.27 -2.87
CA PRO B 351 -19.22 -25.22 -3.72
C PRO B 351 -18.57 -26.32 -2.88
N THR B 352 -18.64 -27.54 -3.41
CA THR B 352 -18.47 -28.76 -2.65
C THR B 352 -17.34 -29.64 -3.21
N GLY B 353 -16.95 -29.40 -4.46
CA GLY B 353 -15.96 -30.22 -5.15
C GLY B 353 -14.53 -29.93 -4.72
N PRO B 354 -13.58 -30.72 -5.22
CA PRO B 354 -12.17 -30.51 -4.87
C PRO B 354 -11.68 -29.08 -5.06
N GLY B 355 -10.69 -28.70 -4.23
CA GLY B 355 -10.17 -27.34 -4.18
C GLY B 355 -11.22 -26.30 -3.79
N SER B 356 -11.27 -25.24 -4.58
CA SER B 356 -12.25 -24.18 -4.43
C SER B 356 -13.59 -24.69 -4.91
N GLY B 357 -13.59 -25.79 -5.69
CA GLY B 357 -14.84 -26.42 -6.16
C GLY B 357 -15.32 -25.97 -7.53
N VAL B 358 -14.46 -25.23 -8.24
CA VAL B 358 -14.71 -24.80 -9.61
C VAL B 358 -13.47 -25.10 -10.47
N ASN B 359 -13.64 -25.08 -11.79
CA ASN B 359 -12.59 -25.49 -12.72
C ASN B 359 -12.68 -24.68 -13.98
N LEU B 360 -11.59 -24.60 -14.74
CA LEU B 360 -11.55 -23.72 -15.90
C LEU B 360 -12.46 -24.17 -17.05
N ASP B 361 -13.13 -23.24 -17.72
CA ASP B 361 -13.60 -23.50 -19.08
C ASP B 361 -12.61 -22.89 -20.06
N GLU B 362 -11.75 -23.73 -20.64
CA GLU B 362 -10.64 -23.29 -21.49
C GLU B 362 -11.05 -22.42 -22.67
N GLU B 363 -12.19 -22.75 -23.29
CA GLU B 363 -12.72 -21.96 -24.41
C GLU B 363 -12.93 -20.54 -23.93
N ARG B 364 -13.69 -20.42 -22.84
CA ARG B 364 -14.03 -19.13 -22.27
C ARG B 364 -12.85 -18.35 -21.73
N LEU B 365 -11.91 -19.01 -21.06
CA LEU B 365 -10.68 -18.31 -20.68
C LEU B 365 -10.00 -17.63 -21.88
N ARG B 366 -9.90 -18.32 -23.03
CA ARG B 366 -9.34 -17.74 -24.29
C ARG B 366 -10.24 -16.66 -24.88
N LYS B 367 -11.53 -16.76 -24.63
CA LYS B 367 -12.49 -15.86 -25.26
C LYS B 367 -12.51 -14.50 -24.59
N TYR B 368 -12.21 -14.51 -23.28
CA TYR B 368 -12.30 -13.31 -22.47
C TYR B 368 -10.95 -12.75 -22.03
N SER B 369 -9.87 -13.49 -22.29
CA SER B 369 -8.54 -12.92 -22.16
C SER B 369 -8.51 -11.58 -22.86
N ARG B 370 -7.88 -10.58 -22.22
CA ARG B 370 -7.47 -9.37 -22.90
C ARG B 370 -6.07 -9.65 -23.47
#